data_1YKB
#
_entry.id   1YKB
#
_cell.length_a   64.877
_cell.length_b   62.227
_cell.length_c   139.524
_cell.angle_alpha   90.00
_cell.angle_beta   91.35
_cell.angle_gamma   90.00
#
_symmetry.space_group_name_H-M   'P 1 21 1'
#
loop_
_entity.id
_entity.type
_entity.pdbx_description
1 polymer 'PROTEIN (Interleukin-22)'
2 branched 2-acetamido-2-deoxy-beta-D-glucopyranose-(1-4)-[alpha-L-fucopyranose-(1-6)]2-acetamido-2-deoxy-beta-D-glucopyranose
3 branched 2-acetamido-2-deoxy-beta-D-glucopyranose-(1-4)-2-acetamido-2-deoxy-beta-D-glucopyranose
4 branched alpha-D-mannopyranose-(1-6)-alpha-D-mannopyranose-(1-4)-2-acetamido-2-deoxy-beta-D-glucopyranose-(1-4)-[alpha-L-fucopyranose-(1-6)]2-acetamido-2-deoxy-beta-D-glucopyranose
5 non-polymer 2-acetamido-2-deoxy-beta-D-glucopyranose
6 water water
#
_entity_poly.entity_id   1
_entity_poly.type   'polypeptide(L)'
_entity_poly.pdbx_seq_one_letter_code
;SHCRLDKSNFQQPYITNRTFMLAKEASLADNNTDVRLIGEKLFHGVSMSERCYLMKQVLNFTLEEVLFPQSDRFQPYMQE
VVPFLARLSNRLSTCHIEGDDLHIQRNVQKLKDTVKKLGESGEIKAIGELDLLFMSLRNACI
;
_entity_poly.pdbx_strand_id   A,B,C,D,E,F
#
loop_
_chem_comp.id
_chem_comp.type
_chem_comp.name
_chem_comp.formula
FUC L-saccharide, alpha linking alpha-L-fucopyranose 'C6 H12 O5'
MAN D-saccharide, alpha linking alpha-D-mannopyranose 'C6 H12 O6'
NAG D-saccharide, beta linking 2-acetamido-2-deoxy-beta-D-glucopyranose 'C8 H15 N O6'
#
# COMPACT_ATOMS: atom_id res chain seq x y z
N HIS A 2 8.49 13.52 -19.75
CA HIS A 2 7.82 14.57 -20.56
C HIS A 2 6.89 13.96 -21.63
N CYS A 3 5.61 14.34 -21.58
CA CYS A 3 4.63 13.78 -22.48
C CYS A 3 4.14 14.65 -23.63
N ARG A 4 4.51 14.24 -24.83
CA ARG A 4 4.13 14.90 -26.07
C ARG A 4 4.15 13.85 -27.20
N LEU A 5 3.22 13.96 -28.15
CA LEU A 5 3.13 13.05 -29.31
C LEU A 5 3.04 14.00 -30.49
N ASP A 6 3.73 13.69 -31.58
CA ASP A 6 3.70 14.61 -32.72
C ASP A 6 2.34 14.51 -33.38
N LYS A 7 1.81 15.66 -33.79
CA LYS A 7 0.51 15.69 -34.41
C LYS A 7 0.44 14.81 -35.63
N SER A 8 1.58 14.58 -36.30
CA SER A 8 1.61 13.77 -37.52
C SER A 8 1.02 12.38 -37.29
N ASN A 9 1.10 11.91 -36.05
CA ASN A 9 0.55 10.62 -35.65
C ASN A 9 -0.95 10.56 -35.82
N PHE A 10 -1.62 11.72 -35.75
CA PHE A 10 -3.07 11.80 -35.82
C PHE A 10 -3.61 12.38 -37.11
N GLN A 11 -2.76 12.52 -38.10
CA GLN A 11 -3.16 13.11 -39.36
C GLN A 11 -3.06 12.22 -40.57
N GLN A 12 -2.98 10.91 -40.38
CA GLN A 12 -2.90 10.01 -41.52
C GLN A 12 -4.27 9.42 -41.79
N PRO A 13 -4.83 9.72 -42.96
CA PRO A 13 -6.16 9.22 -43.32
C PRO A 13 -6.43 7.73 -43.20
N TYR A 14 -5.50 6.91 -43.67
CA TYR A 14 -5.71 5.48 -43.62
C TYR A 14 -5.96 4.93 -42.20
N ILE A 15 -4.95 5.09 -41.34
CA ILE A 15 -5.07 4.59 -39.98
C ILE A 15 -6.16 5.29 -39.17
N THR A 16 -6.41 6.57 -39.41
CA THR A 16 -7.47 7.24 -38.69
C THR A 16 -8.81 6.57 -39.02
N ASN A 17 -9.07 6.36 -40.32
CA ASN A 17 -10.28 5.71 -40.80
C ASN A 17 -10.44 4.33 -40.14
N ARG A 18 -9.38 3.54 -40.14
CA ARG A 18 -9.41 2.21 -39.51
C ARG A 18 -9.79 2.29 -38.04
N THR A 19 -9.14 3.17 -37.28
CA THR A 19 -9.42 3.31 -35.87
C THR A 19 -10.87 3.67 -35.64
N PHE A 20 -11.40 4.57 -36.46
CA PHE A 20 -12.78 4.97 -36.30
C PHE A 20 -13.76 3.88 -36.73
N MET A 21 -13.42 3.14 -37.78
CA MET A 21 -14.32 2.06 -38.20
C MET A 21 -14.35 0.96 -37.13
N LEU A 22 -13.22 0.73 -36.46
CA LEU A 22 -13.18 -0.27 -35.43
C LEU A 22 -14.09 0.19 -34.30
N ALA A 23 -14.07 1.48 -33.98
CA ALA A 23 -14.92 1.96 -32.90
C ALA A 23 -16.39 1.77 -33.28
N LYS A 24 -16.72 2.02 -34.54
CA LYS A 24 -18.08 1.87 -35.04
C LYS A 24 -18.51 0.40 -34.94
N GLU A 25 -17.65 -0.48 -35.45
CA GLU A 25 -17.88 -1.91 -35.42
C GLU A 25 -18.20 -2.35 -33.99
N ALA A 26 -17.27 -2.12 -33.07
CA ALA A 26 -17.46 -2.52 -31.68
C ALA A 26 -18.66 -1.86 -31.02
N SER A 27 -19.00 -0.64 -31.40
CA SER A 27 -20.14 0.01 -30.77
C SER A 27 -21.47 -0.56 -31.24
N LEU A 28 -21.48 -1.09 -32.46
CA LEU A 28 -22.69 -1.70 -33.00
C LEU A 28 -22.96 -3.01 -32.27
N ALA A 29 -22.15 -3.30 -31.25
CA ALA A 29 -22.30 -4.52 -30.47
C ALA A 29 -22.30 -4.21 -28.98
N ASP A 30 -22.48 -2.94 -28.65
CA ASP A 30 -22.49 -2.51 -27.26
C ASP A 30 -23.93 -2.20 -26.87
N ASN A 31 -24.29 -2.53 -25.64
CA ASN A 31 -25.67 -2.31 -25.17
C ASN A 31 -25.87 -1.24 -24.10
N ASN A 32 -24.86 -0.95 -23.30
CA ASN A 32 -24.99 0.04 -22.25
C ASN A 32 -25.21 1.46 -22.76
N THR A 33 -26.41 1.98 -22.50
CA THR A 33 -26.78 3.33 -22.93
C THR A 33 -26.70 4.32 -21.76
N ASP A 34 -25.88 3.99 -20.76
CA ASP A 34 -25.76 4.85 -19.59
C ASP A 34 -24.30 5.21 -19.24
N VAL A 35 -23.40 4.25 -19.36
CA VAL A 35 -22.02 4.51 -18.99
C VAL A 35 -21.04 4.77 -20.13
N ARG A 36 -20.37 5.91 -20.03
CA ARG A 36 -19.36 6.31 -21.00
C ARG A 36 -18.03 6.32 -20.26
N LEU A 37 -17.14 5.41 -20.66
CA LEU A 37 -15.81 5.27 -20.08
C LEU A 37 -14.97 6.57 -20.15
N ILE A 38 -14.77 7.12 -21.34
CA ILE A 38 -13.99 8.33 -21.48
C ILE A 38 -14.92 9.51 -21.53
N GLY A 39 -15.06 10.20 -20.41
CA GLY A 39 -15.96 11.33 -20.35
C GLY A 39 -15.50 12.40 -19.40
N GLU A 40 -16.44 13.20 -18.89
CA GLU A 40 -16.08 14.27 -18.00
C GLU A 40 -15.47 13.81 -16.69
N LYS A 41 -16.00 12.73 -16.14
CA LYS A 41 -15.52 12.20 -14.88
C LYS A 41 -14.07 11.77 -14.91
N LEU A 42 -13.62 11.27 -16.06
CA LEU A 42 -12.26 10.82 -16.22
C LEU A 42 -11.21 11.94 -16.14
N PHE A 43 -11.55 13.10 -16.68
CA PHE A 43 -10.63 14.24 -16.71
C PHE A 43 -10.85 15.21 -15.54
N HIS A 44 -11.93 14.99 -14.80
CA HIS A 44 -12.25 15.86 -13.68
C HIS A 44 -11.13 16.04 -12.67
N GLY A 45 -10.80 17.30 -12.37
CA GLY A 45 -9.74 17.56 -11.42
C GLY A 45 -8.33 17.33 -11.96
N VAL A 46 -8.19 17.22 -13.28
CA VAL A 46 -6.87 17.00 -13.88
C VAL A 46 -6.47 18.19 -14.76
N SER A 47 -5.34 18.81 -14.44
CA SER A 47 -4.88 19.97 -15.19
C SER A 47 -4.54 19.63 -16.63
N MET A 48 -4.57 20.63 -17.49
CA MET A 48 -4.26 20.39 -18.88
C MET A 48 -2.91 19.71 -19.02
N SER A 49 -1.93 20.14 -18.25
CA SER A 49 -0.58 19.60 -18.39
C SER A 49 -0.35 18.15 -17.93
N GLU A 50 -1.34 17.55 -17.29
CA GLU A 50 -1.21 16.17 -16.81
C GLU A 50 -2.11 15.19 -17.57
N ARG A 51 -2.96 15.73 -18.44
CA ARG A 51 -3.88 14.93 -19.23
C ARG A 51 -3.20 13.91 -20.14
N CYS A 52 -2.06 14.24 -20.72
CA CYS A 52 -1.41 13.28 -21.57
C CYS A 52 -0.93 12.09 -20.73
N TYR A 53 -0.40 12.37 -19.54
CA TYR A 53 0.04 11.32 -18.64
C TYR A 53 -1.16 10.44 -18.29
N LEU A 54 -2.28 11.07 -17.97
CA LEU A 54 -3.50 10.34 -17.66
C LEU A 54 -3.91 9.45 -18.82
N MET A 55 -3.83 10.00 -20.03
CA MET A 55 -4.18 9.23 -21.21
C MET A 55 -3.23 8.07 -21.41
N LYS A 56 -1.97 8.25 -20.97
CA LYS A 56 -0.97 7.21 -21.08
C LYS A 56 -1.46 6.00 -20.30
N GLN A 57 -1.99 6.22 -19.12
CA GLN A 57 -2.49 5.12 -18.30
C GLN A 57 -3.64 4.41 -19.01
N VAL A 58 -4.63 5.19 -19.43
CA VAL A 58 -5.77 4.63 -20.12
C VAL A 58 -5.39 3.85 -21.37
N LEU A 59 -4.44 4.35 -22.14
CA LEU A 59 -4.02 3.68 -23.36
C LEU A 59 -3.34 2.34 -23.02
N ASN A 60 -2.47 2.36 -22.01
CA ASN A 60 -1.78 1.17 -21.56
C ASN A 60 -2.83 0.13 -21.17
N PHE A 61 -3.80 0.54 -20.38
CA PHE A 61 -4.83 -0.38 -19.95
C PHE A 61 -5.60 -0.89 -21.14
N THR A 62 -5.95 -0.01 -22.07
CA THR A 62 -6.72 -0.42 -23.23
C THR A 62 -5.98 -1.43 -24.09
N LEU A 63 -4.68 -1.25 -24.30
CA LEU A 63 -3.91 -2.23 -25.09
C LEU A 63 -3.80 -3.57 -24.33
N GLU A 64 -3.30 -3.48 -23.10
CA GLU A 64 -3.09 -4.64 -22.23
C GLU A 64 -4.31 -5.51 -21.88
N GLU A 65 -5.33 -4.90 -21.29
CA GLU A 65 -6.51 -5.65 -20.85
C GLU A 65 -7.71 -5.64 -21.77
N VAL A 66 -7.64 -4.92 -22.89
CA VAL A 66 -8.79 -4.89 -23.79
C VAL A 66 -8.51 -5.28 -25.24
N LEU A 67 -7.56 -4.62 -25.88
CA LEU A 67 -7.26 -4.95 -27.26
C LEU A 67 -6.51 -6.27 -27.42
N PHE A 68 -5.34 -6.41 -26.79
CA PHE A 68 -4.58 -7.66 -26.89
C PHE A 68 -5.47 -8.91 -26.64
N PRO A 69 -6.50 -8.79 -25.77
CA PRO A 69 -7.36 -9.96 -25.56
C PRO A 69 -8.12 -10.24 -26.86
N GLN A 70 -9.25 -9.55 -27.03
CA GLN A 70 -10.15 -9.63 -28.19
C GLN A 70 -9.52 -9.50 -29.58
N SER A 71 -8.26 -9.91 -29.74
CA SER A 71 -7.61 -9.78 -31.04
C SER A 71 -8.29 -10.59 -32.16
N ASP A 72 -8.81 -11.77 -31.83
CA ASP A 72 -9.46 -12.63 -32.82
C ASP A 72 -10.81 -12.06 -33.28
N ARG A 73 -11.13 -10.85 -32.89
CA ARG A 73 -12.38 -10.26 -33.30
C ARG A 73 -12.20 -8.95 -34.04
N PHE A 74 -13.31 -8.45 -34.59
CA PHE A 74 -13.32 -7.20 -35.32
C PHE A 74 -12.25 -7.09 -36.40
N GLN A 75 -12.05 -8.16 -37.14
CA GLN A 75 -11.07 -8.16 -38.21
C GLN A 75 -11.76 -7.47 -39.39
N PRO A 76 -10.97 -6.89 -40.30
CA PRO A 76 -9.51 -6.89 -40.23
C PRO A 76 -9.02 -5.59 -39.59
N TYR A 77 -9.91 -4.86 -38.94
CA TYR A 77 -9.56 -3.60 -38.30
C TYR A 77 -8.52 -3.76 -37.19
N MET A 78 -8.84 -4.61 -36.24
CA MET A 78 -7.97 -4.89 -35.10
C MET A 78 -6.51 -5.10 -35.50
N GLN A 79 -6.29 -5.83 -36.58
CA GLN A 79 -4.94 -6.13 -37.02
C GLN A 79 -4.05 -4.95 -37.42
N GLU A 80 -4.68 -3.81 -37.73
CA GLU A 80 -3.95 -2.61 -38.16
C GLU A 80 -3.91 -1.57 -37.06
N VAL A 81 -5.02 -1.44 -36.37
CA VAL A 81 -5.14 -0.46 -35.32
C VAL A 81 -4.27 -0.75 -34.10
N VAL A 82 -4.21 -2.00 -33.66
CA VAL A 82 -3.41 -2.33 -32.48
C VAL A 82 -1.94 -1.96 -32.66
N PRO A 83 -1.30 -2.37 -33.75
CA PRO A 83 0.12 -1.98 -33.87
C PRO A 83 0.31 -0.46 -33.73
N PHE A 84 -0.58 0.30 -34.36
CA PHE A 84 -0.57 1.77 -34.35
C PHE A 84 -0.70 2.31 -32.92
N LEU A 85 -1.70 1.85 -32.18
CA LEU A 85 -1.87 2.31 -30.82
C LEU A 85 -0.67 1.93 -29.96
N ALA A 86 -0.13 0.75 -30.21
CA ALA A 86 1.02 0.25 -29.47
C ALA A 86 2.23 1.15 -29.73
N ARG A 87 2.46 1.55 -30.97
CA ARG A 87 3.59 2.43 -31.28
C ARG A 87 3.49 3.68 -30.41
N LEU A 88 2.28 4.24 -30.33
CA LEU A 88 2.01 5.42 -29.51
C LEU A 88 2.24 5.17 -28.04
N SER A 89 1.79 4.02 -27.54
CA SER A 89 1.97 3.70 -26.13
C SER A 89 3.46 3.55 -25.84
N ASN A 90 4.20 3.10 -26.84
CA ASN A 90 5.62 2.93 -26.70
C ASN A 90 6.25 4.33 -26.51
N ARG A 91 5.96 5.25 -27.43
CA ARG A 91 6.48 6.62 -27.32
C ARG A 91 6.19 7.26 -25.95
N LEU A 92 5.01 7.03 -25.39
CA LEU A 92 4.67 7.62 -24.11
C LEU A 92 5.29 6.98 -22.85
N SER A 93 6.10 5.94 -23.01
CA SER A 93 6.69 5.28 -21.83
C SER A 93 7.69 6.16 -21.09
N THR A 94 8.43 6.98 -21.83
CA THR A 94 9.40 7.90 -21.21
C THR A 94 8.64 9.20 -20.98
N CYS A 95 7.55 9.07 -20.26
CA CYS A 95 6.68 10.19 -19.96
C CYS A 95 6.14 9.99 -18.56
N HIS A 96 6.44 10.93 -17.67
CA HIS A 96 5.98 10.85 -16.29
C HIS A 96 5.62 12.24 -15.78
N ILE A 97 5.18 12.28 -14.54
CA ILE A 97 4.82 13.55 -13.90
C ILE A 97 5.51 13.59 -12.55
N GLU A 98 5.89 14.78 -12.12
CA GLU A 98 6.57 14.96 -10.83
C GLU A 98 5.68 14.84 -9.61
N GLY A 99 4.63 15.65 -9.57
CA GLY A 99 3.74 15.65 -8.43
C GLY A 99 3.14 14.33 -7.98
N ASP A 100 1.95 14.46 -7.39
CA ASP A 100 1.15 13.36 -6.86
C ASP A 100 0.20 12.93 -7.97
N ASP A 101 0.17 11.62 -8.27
CA ASP A 101 -0.71 11.11 -9.31
C ASP A 101 -1.86 10.29 -8.73
N LEU A 102 -2.18 10.55 -7.47
CA LEU A 102 -3.25 9.82 -6.81
C LEU A 102 -4.61 10.13 -7.36
N HIS A 103 -4.89 11.41 -7.56
CA HIS A 103 -6.19 11.77 -8.09
C HIS A 103 -6.33 11.23 -9.51
N ILE A 104 -5.24 11.21 -10.25
CA ILE A 104 -5.23 10.70 -11.61
C ILE A 104 -5.42 9.18 -11.60
N GLN A 105 -4.65 8.48 -10.77
CA GLN A 105 -4.78 7.03 -10.69
C GLN A 105 -6.17 6.66 -10.16
N ARG A 106 -6.77 7.55 -9.37
CA ARG A 106 -8.07 7.23 -8.83
C ARG A 106 -9.08 7.29 -9.97
N ASN A 107 -8.92 8.28 -10.85
CA ASN A 107 -9.80 8.43 -11.99
C ASN A 107 -9.68 7.24 -12.96
N VAL A 108 -8.44 6.88 -13.30
CA VAL A 108 -8.18 5.73 -14.18
C VAL A 108 -8.78 4.46 -13.57
N GLN A 109 -8.60 4.29 -12.26
CA GLN A 109 -9.11 3.13 -11.51
C GLN A 109 -10.59 2.95 -11.76
N LYS A 110 -11.34 4.05 -11.69
CA LYS A 110 -12.78 4.00 -11.93
C LYS A 110 -13.09 3.43 -13.31
N LEU A 111 -12.28 3.78 -14.30
CA LEU A 111 -12.47 3.28 -15.64
C LEU A 111 -12.06 1.80 -15.69
N LYS A 112 -10.95 1.46 -15.05
CA LYS A 112 -10.55 0.06 -15.05
C LYS A 112 -11.60 -0.80 -14.36
N ASP A 113 -12.16 -0.29 -13.26
CA ASP A 113 -13.20 -1.03 -12.53
C ASP A 113 -14.38 -1.34 -13.43
N THR A 114 -14.94 -0.29 -14.02
CA THR A 114 -16.11 -0.42 -14.90
C THR A 114 -15.93 -1.46 -15.99
N VAL A 115 -14.77 -1.50 -16.60
CA VAL A 115 -14.53 -2.47 -17.65
C VAL A 115 -14.47 -3.89 -17.11
N LYS A 116 -13.76 -4.09 -16.00
CA LYS A 116 -13.66 -5.44 -15.43
C LYS A 116 -15.00 -5.94 -14.93
N LYS A 117 -15.81 -5.04 -14.36
CA LYS A 117 -17.09 -5.42 -13.82
C LYS A 117 -18.06 -5.85 -14.90
N LEU A 118 -18.04 -5.18 -16.05
CA LEU A 118 -18.93 -5.53 -17.14
C LEU A 118 -18.40 -6.74 -17.90
N GLY A 119 -17.22 -7.20 -17.48
CA GLY A 119 -16.62 -8.37 -18.10
C GLY A 119 -16.49 -8.30 -19.62
N GLU A 120 -16.78 -9.41 -20.27
CA GLU A 120 -16.70 -9.52 -21.72
C GLU A 120 -17.15 -8.29 -22.51
N SER A 121 -18.34 -7.79 -22.21
CA SER A 121 -18.87 -6.62 -22.93
C SER A 121 -18.21 -5.32 -22.48
N GLY A 122 -17.55 -5.35 -21.33
CA GLY A 122 -16.88 -4.15 -20.85
C GLY A 122 -15.75 -3.85 -21.81
N GLU A 123 -15.11 -4.91 -22.28
CA GLU A 123 -14.03 -4.81 -23.22
C GLU A 123 -14.58 -4.33 -24.58
N ILE A 124 -15.79 -4.75 -24.91
CA ILE A 124 -16.41 -4.37 -26.17
C ILE A 124 -16.70 -2.88 -26.14
N LYS A 125 -17.18 -2.40 -25.00
CA LYS A 125 -17.48 -0.97 -24.84
C LYS A 125 -16.22 -0.12 -25.01
N ALA A 126 -15.13 -0.57 -24.41
CA ALA A 126 -13.88 0.15 -24.53
C ALA A 126 -13.49 0.29 -26.02
N ILE A 127 -13.52 -0.82 -26.75
CA ILE A 127 -13.16 -0.79 -28.17
C ILE A 127 -14.11 0.12 -28.94
N GLY A 128 -15.36 0.19 -28.51
CA GLY A 128 -16.31 1.03 -29.19
C GLY A 128 -16.02 2.48 -28.94
N GLU A 129 -15.14 2.76 -27.99
CA GLU A 129 -14.78 4.14 -27.67
C GLU A 129 -13.38 4.54 -28.17
N LEU A 130 -12.75 3.71 -29.02
CA LEU A 130 -11.44 4.05 -29.54
C LEU A 130 -11.43 5.40 -30.26
N ASP A 131 -12.59 5.85 -30.73
CA ASP A 131 -12.62 7.15 -31.41
C ASP A 131 -12.40 8.25 -30.37
N LEU A 132 -12.98 8.10 -29.19
CA LEU A 132 -12.80 9.09 -28.14
C LEU A 132 -11.40 9.00 -27.58
N LEU A 133 -10.83 7.79 -27.59
CA LEU A 133 -9.48 7.59 -27.09
C LEU A 133 -8.51 8.34 -27.99
N PHE A 134 -8.70 8.16 -29.28
CA PHE A 134 -7.88 8.78 -30.31
C PHE A 134 -7.96 10.29 -30.19
N MET A 135 -9.16 10.84 -30.02
CA MET A 135 -9.33 12.28 -29.89
C MET A 135 -8.69 12.79 -28.62
N SER A 136 -8.85 12.04 -27.54
CA SER A 136 -8.27 12.42 -26.25
C SER A 136 -6.76 12.38 -26.28
N LEU A 137 -6.19 11.34 -26.88
CA LEU A 137 -4.73 11.27 -26.98
C LEU A 137 -4.25 12.47 -27.76
N ARG A 138 -4.87 12.70 -28.92
CA ARG A 138 -4.48 13.83 -29.75
C ARG A 138 -4.53 15.17 -29.01
N ASN A 139 -5.66 15.51 -28.43
CA ASN A 139 -5.77 16.79 -27.70
C ASN A 139 -4.85 16.92 -26.49
N ALA A 140 -4.76 15.87 -25.68
CA ALA A 140 -3.91 15.93 -24.50
C ALA A 140 -2.40 15.92 -24.77
N CYS A 141 -1.94 15.16 -25.76
CA CYS A 141 -0.52 15.02 -26.04
C CYS A 141 0.18 15.90 -27.10
N ILE A 142 -0.53 16.42 -28.08
CA ILE A 142 0.17 17.28 -29.04
C ILE A 142 0.35 18.62 -28.32
N SER B 1 -38.85 11.70 -41.85
CA SER B 1 -37.39 11.90 -42.09
C SER B 1 -36.53 11.37 -40.93
N HIS B 2 -35.22 11.29 -41.15
CA HIS B 2 -34.31 10.77 -40.14
C HIS B 2 -32.86 11.27 -40.25
N CYS B 3 -32.12 11.07 -39.15
CA CYS B 3 -30.73 11.46 -39.07
C CYS B 3 -29.81 10.34 -39.49
N ARG B 4 -29.44 10.32 -40.77
CA ARG B 4 -28.58 9.26 -41.25
C ARG B 4 -28.15 9.53 -42.69
N LEU B 5 -26.97 9.01 -43.07
CA LEU B 5 -26.43 9.17 -44.42
C LEU B 5 -26.03 7.79 -44.92
N ASP B 6 -26.21 7.55 -46.22
CA ASP B 6 -25.85 6.25 -46.77
C ASP B 6 -24.33 6.17 -46.83
N LYS B 7 -23.78 5.03 -46.39
CA LYS B 7 -22.35 4.85 -46.36
C LYS B 7 -21.65 5.20 -47.67
N SER B 8 -22.39 5.22 -48.76
CA SER B 8 -21.80 5.55 -50.05
C SER B 8 -21.36 7.01 -50.10
N ASN B 9 -21.96 7.83 -49.24
CA ASN B 9 -21.62 9.24 -49.16
C ASN B 9 -20.17 9.45 -48.78
N PHE B 10 -19.61 8.49 -48.05
CA PHE B 10 -18.23 8.60 -47.60
C PHE B 10 -17.31 7.64 -48.31
N GLN B 11 -17.59 7.39 -49.58
CA GLN B 11 -16.75 6.49 -50.33
C GLN B 11 -16.45 7.10 -51.69
N GLN B 12 -16.97 8.31 -51.87
CA GLN B 12 -16.73 9.10 -53.08
C GLN B 12 -15.20 9.07 -53.27
N PRO B 13 -14.70 9.00 -54.53
CA PRO B 13 -13.27 8.97 -54.89
C PRO B 13 -12.21 9.33 -53.85
N TYR B 14 -11.52 10.45 -54.03
CA TYR B 14 -10.48 10.83 -53.09
C TYR B 14 -10.82 11.98 -52.15
N ILE B 15 -12.06 11.98 -51.65
CA ILE B 15 -12.54 13.01 -50.75
C ILE B 15 -11.81 12.97 -49.40
N THR B 16 -11.62 11.77 -48.85
CA THR B 16 -10.94 11.63 -47.56
C THR B 16 -9.52 12.18 -47.59
N ASN B 17 -8.73 11.80 -48.59
CA ASN B 17 -7.36 12.30 -48.70
C ASN B 17 -7.38 13.82 -48.74
N ARG B 18 -8.21 14.38 -49.62
CA ARG B 18 -8.31 15.82 -49.76
C ARG B 18 -8.61 16.53 -48.44
N THR B 19 -9.61 16.01 -47.73
CA THR B 19 -9.99 16.60 -46.47
C THR B 19 -8.84 16.59 -45.47
N PHE B 20 -8.09 15.50 -45.42
CA PHE B 20 -6.97 15.44 -44.51
C PHE B 20 -5.84 16.36 -44.97
N MET B 21 -5.64 16.48 -46.29
CA MET B 21 -4.60 17.39 -46.79
C MET B 21 -4.97 18.82 -46.44
N LEU B 22 -6.26 19.15 -46.58
CA LEU B 22 -6.76 20.49 -46.23
C LEU B 22 -6.50 20.76 -44.76
N ALA B 23 -6.85 19.78 -43.92
CA ALA B 23 -6.64 19.89 -42.47
C ALA B 23 -5.16 20.07 -42.10
N LYS B 24 -4.30 19.32 -42.79
CA LYS B 24 -2.87 19.37 -42.55
C LYS B 24 -2.33 20.73 -42.89
N GLU B 25 -2.77 21.28 -44.02
CA GLU B 25 -2.33 22.59 -44.47
C GLU B 25 -2.74 23.66 -43.44
N ALA B 26 -4.03 23.74 -43.15
CA ALA B 26 -4.49 24.72 -42.18
C ALA B 26 -3.84 24.51 -40.80
N SER B 27 -3.50 23.28 -40.45
CA SER B 27 -2.88 23.03 -39.16
C SER B 27 -1.53 23.70 -39.06
N LEU B 28 -0.83 23.81 -40.18
CA LEU B 28 0.48 24.44 -40.20
C LEU B 28 0.38 25.87 -39.72
N ALA B 29 -0.72 26.52 -40.06
CA ALA B 29 -0.98 27.91 -39.69
C ALA B 29 -1.68 28.11 -38.36
N ASP B 30 -1.90 27.05 -37.59
CA ASP B 30 -2.58 27.20 -36.33
C ASP B 30 -1.61 27.51 -35.18
N ASN B 31 -1.47 28.81 -34.88
CA ASN B 31 -0.58 29.29 -33.81
C ASN B 31 -1.06 28.75 -32.47
N ASN B 32 -2.29 29.09 -32.12
CA ASN B 32 -2.90 28.67 -30.88
C ASN B 32 -3.24 27.19 -30.97
N THR B 33 -2.49 26.35 -30.28
CA THR B 33 -2.77 24.92 -30.34
C THR B 33 -3.08 24.31 -28.97
N ASP B 34 -3.03 25.17 -27.95
CA ASP B 34 -3.31 24.73 -26.59
C ASP B 34 -4.83 24.71 -26.44
N VAL B 35 -5.52 25.03 -27.52
CA VAL B 35 -6.98 25.06 -27.53
C VAL B 35 -7.51 24.13 -28.62
N ARG B 36 -8.31 23.15 -28.23
CA ARG B 36 -8.88 22.19 -29.18
C ARG B 36 -10.38 22.42 -29.32
N LEU B 37 -10.92 22.14 -30.50
CA LEU B 37 -12.35 22.32 -30.76
C LEU B 37 -13.12 21.01 -30.69
N ILE B 38 -12.72 20.05 -31.52
CA ILE B 38 -13.43 18.79 -31.52
C ILE B 38 -12.73 17.83 -30.58
N GLY B 39 -13.52 17.16 -29.77
CA GLY B 39 -12.98 16.22 -28.80
C GLY B 39 -14.02 15.75 -27.80
N GLU B 40 -13.56 15.05 -26.78
CA GLU B 40 -14.40 14.50 -25.73
C GLU B 40 -15.50 15.43 -25.21
N LYS B 41 -15.17 16.67 -24.87
CA LYS B 41 -16.18 17.59 -24.34
C LYS B 41 -17.38 17.80 -25.24
N LEU B 42 -17.12 17.87 -26.54
CA LEU B 42 -18.19 18.09 -27.50
C LEU B 42 -19.33 17.07 -27.37
N PHE B 43 -19.00 15.87 -26.89
CA PHE B 43 -19.97 14.78 -26.76
C PHE B 43 -20.61 14.60 -25.39
N HIS B 44 -20.21 15.42 -24.42
CA HIS B 44 -20.76 15.32 -23.08
C HIS B 44 -22.28 15.33 -23.11
N GLY B 45 -22.89 14.37 -22.42
CA GLY B 45 -24.33 14.30 -22.35
C GLY B 45 -25.08 14.01 -23.63
N VAL B 46 -24.40 13.52 -24.65
CA VAL B 46 -25.04 13.22 -25.92
C VAL B 46 -25.00 11.71 -26.17
N SER B 47 -26.15 11.11 -26.43
CA SER B 47 -26.23 9.68 -26.64
C SER B 47 -25.80 9.32 -28.05
N MET B 48 -25.53 8.05 -28.28
CA MET B 48 -25.09 7.61 -29.60
C MET B 48 -26.05 8.02 -30.68
N SER B 49 -27.35 7.90 -30.40
CA SER B 49 -28.38 8.24 -31.36
C SER B 49 -28.46 9.71 -31.71
N GLU B 50 -28.05 10.56 -30.77
CA GLU B 50 -28.10 12.00 -30.97
C GLU B 50 -26.87 12.59 -31.64
N ARG B 51 -25.77 11.84 -31.65
CA ARG B 51 -24.53 12.33 -32.24
C ARG B 51 -24.63 12.86 -33.65
N CYS B 52 -25.35 12.17 -34.53
CA CYS B 52 -25.47 12.67 -35.89
C CYS B 52 -26.12 14.06 -35.92
N TYR B 53 -27.11 14.29 -35.06
CA TYR B 53 -27.74 15.59 -34.97
C TYR B 53 -26.73 16.60 -34.45
N LEU B 54 -25.97 16.22 -33.42
CA LEU B 54 -24.92 17.11 -32.89
C LEU B 54 -23.95 17.51 -34.01
N MET B 55 -23.43 16.52 -34.74
CA MET B 55 -22.49 16.74 -35.84
C MET B 55 -23.11 17.58 -36.94
N LYS B 56 -24.43 17.49 -37.07
CA LYS B 56 -25.14 18.29 -38.06
C LYS B 56 -24.99 19.77 -37.66
N GLN B 57 -25.17 20.05 -36.38
CA GLN B 57 -25.05 21.42 -35.92
C GLN B 57 -23.65 21.98 -36.16
N VAL B 58 -22.63 21.19 -35.85
CA VAL B 58 -21.24 21.60 -36.02
C VAL B 58 -20.88 21.78 -37.47
N LEU B 59 -21.39 20.87 -38.33
CA LEU B 59 -21.12 20.98 -39.77
C LEU B 59 -21.75 22.22 -40.35
N ASN B 60 -23.00 22.50 -39.98
CA ASN B 60 -23.71 23.68 -40.50
C ASN B 60 -22.93 24.95 -40.11
N PHE B 61 -22.51 25.03 -38.85
CA PHE B 61 -21.73 26.16 -38.37
C PHE B 61 -20.43 26.27 -39.15
N THR B 62 -19.70 25.16 -39.27
CA THR B 62 -18.43 25.18 -39.97
C THR B 62 -18.55 25.65 -41.41
N LEU B 63 -19.58 25.20 -42.11
CA LEU B 63 -19.79 25.61 -43.49
C LEU B 63 -20.09 27.11 -43.61
N GLU B 64 -21.15 27.55 -42.93
CA GLU B 64 -21.62 28.93 -42.93
C GLU B 64 -20.65 29.95 -42.35
N GLU B 65 -20.10 29.68 -41.17
CA GLU B 65 -19.21 30.65 -40.56
C GLU B 65 -17.72 30.41 -40.71
N VAL B 66 -17.31 29.34 -41.37
CA VAL B 66 -15.88 29.06 -41.53
C VAL B 66 -15.41 28.76 -42.94
N LEU B 67 -16.04 27.77 -43.56
CA LEU B 67 -15.66 27.33 -44.91
C LEU B 67 -16.03 28.23 -46.11
N PHE B 68 -17.29 28.70 -46.20
CA PHE B 68 -17.67 29.59 -47.32
C PHE B 68 -16.85 30.90 -47.26
N PRO B 69 -16.53 31.40 -46.06
CA PRO B 69 -15.75 32.63 -45.85
C PRO B 69 -14.20 32.55 -46.05
N GLN B 70 -13.65 31.34 -46.14
CA GLN B 70 -12.22 31.17 -46.35
C GLN B 70 -12.00 30.44 -47.67
N SER B 71 -13.08 30.25 -48.42
CA SER B 71 -13.09 29.54 -49.71
C SER B 71 -12.04 29.95 -50.74
N ASP B 72 -11.39 31.09 -50.51
CA ASP B 72 -10.36 31.62 -51.41
C ASP B 72 -8.95 31.14 -51.01
N ARG B 73 -8.82 30.68 -49.77
CA ARG B 73 -7.54 30.24 -49.23
C ARG B 73 -7.36 28.72 -49.33
N PHE B 74 -6.21 28.22 -48.88
CA PHE B 74 -5.93 26.79 -48.90
C PHE B 74 -6.33 26.08 -50.18
N GLN B 75 -6.07 26.72 -51.32
CA GLN B 75 -6.39 26.09 -52.60
C GLN B 75 -5.30 25.10 -52.96
N PRO B 76 -5.61 24.08 -53.76
CA PRO B 76 -6.91 23.76 -54.37
C PRO B 76 -7.80 22.85 -53.53
N TYR B 77 -7.31 22.51 -52.34
CA TYR B 77 -8.04 21.62 -51.44
C TYR B 77 -9.45 22.11 -51.12
N MET B 78 -9.52 23.35 -50.66
CA MET B 78 -10.79 23.95 -50.29
C MET B 78 -11.88 23.70 -51.34
N GLN B 79 -11.59 23.99 -52.60
CA GLN B 79 -12.56 23.82 -53.69
C GLN B 79 -13.08 22.40 -53.88
N GLU B 80 -12.30 21.41 -53.51
CA GLU B 80 -12.71 20.02 -53.69
C GLU B 80 -13.50 19.45 -52.51
N VAL B 81 -13.20 19.93 -51.31
CA VAL B 81 -13.85 19.45 -50.11
C VAL B 81 -15.15 20.16 -49.75
N VAL B 82 -15.22 21.46 -49.96
CA VAL B 82 -16.41 22.19 -49.55
C VAL B 82 -17.70 21.72 -50.20
N PRO B 83 -17.74 21.67 -51.55
CA PRO B 83 -18.96 21.22 -52.22
C PRO B 83 -19.46 19.90 -51.67
N PHE B 84 -18.54 19.01 -51.36
CA PHE B 84 -18.90 17.71 -50.83
C PHE B 84 -19.60 17.84 -49.46
N LEU B 85 -19.02 18.68 -48.59
CA LEU B 85 -19.58 18.89 -47.26
C LEU B 85 -20.92 19.63 -47.33
N ALA B 86 -21.06 20.51 -48.32
CA ALA B 86 -22.29 21.26 -48.53
C ALA B 86 -23.41 20.29 -48.88
N ARG B 87 -23.12 19.35 -49.77
CA ARG B 87 -24.13 18.39 -50.13
C ARG B 87 -24.49 17.58 -48.90
N LEU B 88 -23.48 17.22 -48.11
CA LEU B 88 -23.74 16.44 -46.90
C LEU B 88 -24.66 17.21 -45.99
N SER B 89 -24.35 18.49 -45.79
CA SER B 89 -25.19 19.33 -44.93
C SER B 89 -26.63 19.28 -45.43
N ASN B 90 -26.82 19.52 -46.74
CA ASN B 90 -28.17 19.49 -47.35
C ASN B 90 -28.85 18.14 -47.08
N ARG B 91 -28.13 17.05 -47.28
CA ARG B 91 -28.71 15.74 -47.06
C ARG B 91 -29.15 15.60 -45.60
N LEU B 92 -28.51 16.32 -44.67
CA LEU B 92 -28.91 16.22 -43.26
C LEU B 92 -29.92 17.26 -42.79
N SER B 93 -30.30 18.19 -43.66
CA SER B 93 -31.24 19.25 -43.29
C SER B 93 -32.56 18.79 -42.67
N THR B 94 -32.93 17.53 -42.85
CA THR B 94 -34.17 17.02 -42.27
C THR B 94 -33.92 16.23 -41.01
N CYS B 95 -32.64 16.12 -40.65
CA CYS B 95 -32.23 15.43 -39.45
C CYS B 95 -32.65 16.25 -38.23
N HIS B 96 -33.47 15.65 -37.39
CA HIS B 96 -33.97 16.30 -36.19
C HIS B 96 -34.04 15.32 -35.03
N ILE B 97 -34.22 15.85 -33.82
CA ILE B 97 -34.38 15.00 -32.64
C ILE B 97 -35.67 15.41 -31.95
N GLU B 98 -36.25 14.50 -31.18
CA GLU B 98 -37.50 14.75 -30.47
C GLU B 98 -37.29 15.45 -29.12
N GLY B 99 -36.54 14.80 -28.25
CA GLY B 99 -36.28 15.34 -26.93
C GLY B 99 -35.75 16.76 -26.90
N ASP B 100 -35.22 17.14 -25.75
CA ASP B 100 -34.64 18.46 -25.55
C ASP B 100 -33.23 18.51 -26.13
N ASP B 101 -32.93 19.54 -26.92
CA ASP B 101 -31.58 19.68 -27.48
C ASP B 101 -30.77 20.76 -26.78
N LEU B 102 -31.07 21.00 -25.51
CA LEU B 102 -30.37 22.00 -24.73
C LEU B 102 -28.91 21.63 -24.51
N HIS B 103 -28.67 20.36 -24.17
CA HIS B 103 -27.29 19.90 -23.94
C HIS B 103 -26.47 20.06 -25.23
N ILE B 104 -27.06 19.60 -26.32
CA ILE B 104 -26.39 19.69 -27.61
C ILE B 104 -26.10 21.15 -27.96
N GLN B 105 -27.09 22.03 -27.86
CA GLN B 105 -26.84 23.42 -28.18
C GLN B 105 -25.82 24.08 -27.26
N ARG B 106 -25.75 23.65 -26.01
CA ARG B 106 -24.78 24.23 -25.10
C ARG B 106 -23.37 23.81 -25.50
N ASN B 107 -23.24 22.55 -25.95
CA ASN B 107 -21.94 22.00 -26.40
C ASN B 107 -21.47 22.71 -27.67
N VAL B 108 -22.36 22.80 -28.65
CA VAL B 108 -22.06 23.47 -29.88
C VAL B 108 -21.69 24.93 -29.59
N GLN B 109 -22.38 25.54 -28.62
CA GLN B 109 -22.13 26.92 -28.23
C GLN B 109 -20.69 27.14 -27.83
N LYS B 110 -20.15 26.17 -27.11
CA LYS B 110 -18.77 26.27 -26.66
C LYS B 110 -17.86 26.24 -27.86
N LEU B 111 -18.19 25.44 -28.87
CA LEU B 111 -17.35 25.38 -30.05
C LEU B 111 -17.42 26.69 -30.86
N LYS B 112 -18.62 27.23 -31.04
CA LYS B 112 -18.78 28.49 -31.78
C LYS B 112 -18.03 29.62 -31.07
N ASP B 113 -18.11 29.63 -29.74
CA ASP B 113 -17.45 30.66 -28.95
C ASP B 113 -15.97 30.70 -29.14
N THR B 114 -15.35 29.53 -29.04
CA THR B 114 -13.90 29.39 -29.21
C THR B 114 -13.52 29.88 -30.57
N VAL B 115 -14.22 29.41 -31.59
CA VAL B 115 -13.92 29.86 -32.95
C VAL B 115 -14.07 31.39 -33.06
N LYS B 116 -15.20 31.93 -32.57
CA LYS B 116 -15.43 33.38 -32.69
C LYS B 116 -14.41 34.21 -31.93
N LYS B 117 -14.14 33.82 -30.69
CA LYS B 117 -13.17 34.54 -29.89
C LYS B 117 -11.77 34.65 -30.51
N LEU B 118 -11.35 33.64 -31.27
CA LEU B 118 -10.01 33.65 -31.85
C LEU B 118 -9.94 34.38 -33.19
N GLY B 119 -11.05 34.99 -33.59
CA GLY B 119 -11.06 35.71 -34.84
C GLY B 119 -10.65 34.88 -36.03
N GLU B 120 -9.83 35.47 -36.88
CA GLU B 120 -9.33 34.83 -38.09
C GLU B 120 -8.66 33.49 -37.83
N SER B 121 -7.93 33.40 -36.73
CA SER B 121 -7.23 32.17 -36.39
C SER B 121 -8.18 31.10 -35.86
N GLY B 122 -9.36 31.52 -35.42
CA GLY B 122 -10.34 30.56 -34.94
C GLY B 122 -10.87 29.80 -36.14
N GLU B 123 -10.95 30.49 -37.28
CA GLU B 123 -11.44 29.90 -38.51
C GLU B 123 -10.40 28.90 -39.00
N ILE B 124 -9.13 29.27 -38.85
CA ILE B 124 -8.02 28.44 -39.27
C ILE B 124 -8.02 27.15 -38.46
N LYS B 125 -8.16 27.28 -37.15
CA LYS B 125 -8.17 26.11 -36.28
C LYS B 125 -9.33 25.18 -36.61
N ALA B 126 -10.47 25.74 -37.00
CA ALA B 126 -11.62 24.92 -37.35
C ALA B 126 -11.33 24.08 -38.60
N ILE B 127 -10.72 24.70 -39.59
CA ILE B 127 -10.38 24.01 -40.82
C ILE B 127 -9.30 22.96 -40.51
N GLY B 128 -8.43 23.29 -39.57
CA GLY B 128 -7.36 22.39 -39.17
C GLY B 128 -7.90 21.14 -38.49
N GLU B 129 -9.21 21.07 -38.27
CA GLU B 129 -9.80 19.90 -37.64
C GLU B 129 -10.93 19.31 -38.44
N LEU B 130 -10.96 19.61 -39.73
CA LEU B 130 -12.00 19.05 -40.59
C LEU B 130 -11.88 17.53 -40.66
N ASP B 131 -10.66 17.03 -40.51
CA ASP B 131 -10.47 15.61 -40.54
C ASP B 131 -11.24 14.90 -39.41
N LEU B 132 -11.19 15.42 -38.20
CA LEU B 132 -11.90 14.81 -37.09
C LEU B 132 -13.40 15.05 -37.21
N LEU B 133 -13.79 16.22 -37.73
CA LEU B 133 -15.20 16.54 -37.90
C LEU B 133 -15.79 15.55 -38.89
N PHE B 134 -15.07 15.33 -39.98
CA PHE B 134 -15.45 14.39 -41.04
C PHE B 134 -15.56 12.94 -40.50
N MET B 135 -14.53 12.46 -39.82
CA MET B 135 -14.59 11.11 -39.29
C MET B 135 -15.72 10.98 -38.29
N SER B 136 -16.00 12.06 -37.55
CA SER B 136 -17.07 12.03 -36.55
C SER B 136 -18.44 12.04 -37.19
N LEU B 137 -18.54 12.69 -38.34
CA LEU B 137 -19.79 12.73 -39.08
C LEU B 137 -20.07 11.34 -39.58
N ARG B 138 -19.07 10.73 -40.23
CA ARG B 138 -19.17 9.37 -40.78
C ARG B 138 -19.67 8.43 -39.70
N ASN B 139 -18.97 8.38 -38.59
CA ASN B 139 -19.35 7.50 -37.48
C ASN B 139 -20.76 7.76 -36.95
N ALA B 140 -21.12 9.02 -36.77
CA ALA B 140 -22.42 9.39 -36.23
C ALA B 140 -23.63 9.14 -37.15
N CYS B 141 -23.49 9.45 -38.44
CA CYS B 141 -24.57 9.34 -39.38
C CYS B 141 -24.80 8.09 -40.25
N ILE B 142 -23.83 7.19 -40.38
CA ILE B 142 -24.08 5.99 -41.17
C ILE B 142 -24.65 4.91 -40.26
N SER C 1 -7.17 0.25 29.92
CA SER C 1 -5.94 0.79 29.25
C SER C 1 -5.56 -0.05 28.05
N HIS C 2 -5.00 0.59 27.03
CA HIS C 2 -4.64 -0.13 25.81
C HIS C 2 -3.15 0.02 25.46
N CYS C 3 -2.29 -0.16 26.47
CA CYS C 3 -0.85 -0.05 26.35
C CYS C 3 -0.12 -1.39 26.34
N ARG C 4 0.19 -1.91 25.16
CA ARG C 4 0.91 -3.18 25.02
C ARG C 4 1.28 -3.35 23.56
N LEU C 5 2.31 -2.62 23.14
CA LEU C 5 2.79 -2.67 21.77
C LEU C 5 3.35 -4.04 21.43
N ASP C 6 3.13 -4.47 20.19
CA ASP C 6 3.62 -5.75 19.75
C ASP C 6 5.14 -5.68 19.68
N LYS C 7 5.80 -6.70 20.21
CA LYS C 7 7.25 -6.77 20.25
C LYS C 7 7.93 -6.46 18.92
N SER C 8 7.22 -6.62 17.82
CA SER C 8 7.76 -6.34 16.49
C SER C 8 8.03 -4.86 16.30
N ASN C 9 7.39 -4.02 17.11
CA ASN C 9 7.59 -2.57 17.05
C ASN C 9 9.03 -2.20 17.38
N PHE C 10 9.71 -3.05 18.16
CA PHE C 10 11.08 -2.78 18.56
C PHE C 10 12.04 -3.81 18.04
N GLN C 11 11.78 -4.39 16.88
CA GLN C 11 12.69 -5.41 16.39
C GLN C 11 13.26 -5.25 15.01
N GLN C 12 13.63 -4.03 14.65
CA GLN C 12 14.24 -3.78 13.36
C GLN C 12 15.54 -3.04 13.68
N PRO C 13 16.42 -3.65 14.51
CA PRO C 13 17.73 -3.21 15.01
C PRO C 13 18.46 -2.12 14.23
N TYR C 14 18.06 -1.93 12.98
CA TYR C 14 18.64 -0.90 12.16
C TYR C 14 18.26 0.37 12.95
N ILE C 15 17.01 0.42 13.34
CA ILE C 15 16.45 1.52 14.10
C ILE C 15 17.14 1.71 15.45
N THR C 16 17.51 0.61 16.11
CA THR C 16 18.20 0.66 17.38
C THR C 16 19.60 1.28 17.23
N ASN C 17 20.35 0.82 16.24
CA ASN C 17 21.69 1.35 15.99
C ASN C 17 21.61 2.84 15.69
N ARG C 18 20.62 3.25 14.89
CA ARG C 18 20.46 4.65 14.53
C ARG C 18 20.16 5.51 15.75
N THR C 19 19.25 5.04 16.59
CA THR C 19 18.89 5.77 17.78
C THR C 19 20.10 5.94 18.69
N PHE C 20 20.92 4.91 18.83
CA PHE C 20 22.10 5.05 19.67
C PHE C 20 23.12 5.97 19.00
N MET C 21 23.23 5.91 17.68
CA MET C 21 24.17 6.78 17.01
C MET C 21 23.76 8.23 17.20
N LEU C 22 22.44 8.50 17.13
CA LEU C 22 21.90 9.84 17.32
C LEU C 22 22.23 10.31 18.74
N ALA C 23 21.97 9.46 19.70
CA ALA C 23 22.26 9.77 21.08
C ALA C 23 23.75 10.05 21.29
N LYS C 24 24.63 9.26 20.65
CA LYS C 24 26.07 9.44 20.79
C LYS C 24 26.52 10.78 20.23
N GLU C 25 26.00 11.13 19.06
CA GLU C 25 26.33 12.39 18.42
C GLU C 25 25.90 13.57 19.31
N ALA C 26 24.64 13.59 19.71
CA ALA C 26 24.17 14.67 20.58
C ALA C 26 24.91 14.70 21.92
N SER C 27 25.33 13.53 22.42
CA SER C 27 26.05 13.49 23.69
C SER C 27 27.36 14.20 23.64
N LEU C 28 27.96 14.24 22.45
CA LEU C 28 29.24 14.90 22.27
C LEU C 28 29.13 16.36 22.55
N ALA C 29 27.96 16.93 22.24
CA ALA C 29 27.70 18.35 22.43
C ALA C 29 27.08 18.70 23.79
N ASP C 30 26.92 17.72 24.68
CA ASP C 30 26.31 17.98 25.98
C ASP C 30 27.36 18.45 26.99
N ASN C 31 27.60 19.75 26.99
CA ASN C 31 28.57 20.39 27.90
C ASN C 31 28.14 20.09 29.34
N ASN C 32 26.86 20.36 29.63
CA ASN C 32 26.31 20.15 30.96
C ASN C 32 26.54 18.72 31.43
N THR C 33 27.12 18.58 32.61
CA THR C 33 27.45 17.25 33.14
C THR C 33 26.75 16.87 34.44
N ASP C 34 26.50 17.85 35.29
CA ASP C 34 25.85 17.57 36.56
C ASP C 34 24.42 17.03 36.43
N VAL C 35 23.59 17.69 35.63
CA VAL C 35 22.20 17.26 35.48
C VAL C 35 21.94 16.14 34.47
N ARG C 36 21.01 15.26 34.84
CA ARG C 36 20.62 14.13 34.01
C ARG C 36 19.09 14.12 33.89
N LEU C 37 18.54 13.65 32.78
CA LEU C 37 17.11 13.64 32.61
C LEU C 37 16.44 12.32 32.92
N ILE C 38 16.80 11.29 32.17
CA ILE C 38 16.22 9.97 32.38
C ILE C 38 17.00 9.17 33.42
N GLY C 39 16.29 8.55 34.33
CA GLY C 39 16.94 7.81 35.38
C GLY C 39 15.98 7.49 36.50
N GLU C 40 16.51 6.98 37.60
CA GLU C 40 15.77 6.56 38.77
C GLU C 40 14.63 7.50 39.20
N LYS C 41 14.89 8.78 39.36
CA LYS C 41 13.86 9.73 39.79
C LYS C 41 12.60 9.72 38.93
N LEU C 42 12.77 9.59 37.63
CA LEU C 42 11.64 9.62 36.71
C LEU C 42 10.59 8.58 37.04
N PHE C 43 11.01 7.48 37.64
CA PHE C 43 10.11 6.39 37.97
C PHE C 43 9.56 6.41 39.41
N HIS C 44 9.99 7.35 40.22
CA HIS C 44 9.49 7.45 41.60
C HIS C 44 7.97 7.36 41.62
N GLY C 45 7.44 6.50 42.47
CA GLY C 45 6.00 6.36 42.59
C GLY C 45 5.22 5.87 41.39
N VAL C 46 5.88 5.21 40.44
CA VAL C 46 5.17 4.71 39.27
C VAL C 46 5.30 3.20 39.26
N SER C 47 4.19 2.51 39.10
CA SER C 47 4.19 1.06 39.09
C SER C 47 4.59 0.53 37.72
N MET C 48 4.97 -0.73 37.66
CA MET C 48 5.36 -1.34 36.40
C MET C 48 4.27 -1.15 35.35
N SER C 49 3.03 -1.36 35.75
CA SER C 49 1.91 -1.24 34.81
C SER C 49 1.74 0.19 34.28
N GLU C 50 2.16 1.18 35.07
CA GLU C 50 2.03 2.58 34.66
C GLU C 50 3.20 3.10 33.84
N ARG C 51 4.34 2.42 33.90
CA ARG C 51 5.52 2.87 33.17
C ARG C 51 5.31 3.16 31.69
N CYS C 52 4.57 2.33 30.98
CA CYS C 52 4.37 2.63 29.56
C CYS C 52 3.67 3.98 29.36
N TYR C 53 2.68 4.29 30.18
CA TYR C 53 1.98 5.57 30.11
C TYR C 53 2.97 6.71 30.41
N LEU C 54 3.73 6.57 31.50
CA LEU C 54 4.77 7.54 31.85
C LEU C 54 5.70 7.79 30.64
N MET C 55 6.18 6.72 29.99
CA MET C 55 7.09 6.87 28.85
C MET C 55 6.44 7.56 27.69
N LYS C 56 5.13 7.33 27.54
CA LYS C 56 4.33 7.96 26.49
C LYS C 56 4.36 9.48 26.67
N GLN C 57 4.20 9.92 27.91
CA GLN C 57 4.23 11.35 28.15
C GLN C 57 5.59 11.89 27.76
N VAL C 58 6.67 11.25 28.23
CA VAL C 58 8.03 11.70 27.91
C VAL C 58 8.31 11.69 26.42
N LEU C 59 7.85 10.65 25.72
CA LEU C 59 8.05 10.54 24.28
C LEU C 59 7.32 11.65 23.53
N ASN C 60 6.09 11.92 23.95
CA ASN C 60 5.29 12.99 23.32
C ASN C 60 6.02 14.33 23.47
N PHE C 61 6.50 14.61 24.67
CA PHE C 61 7.21 15.84 24.93
C PHE C 61 8.48 15.90 24.10
N THR C 62 9.26 14.83 24.08
CA THR C 62 10.51 14.81 23.32
C THR C 62 10.29 15.05 21.81
N LEU C 63 9.21 14.49 21.28
CA LEU C 63 8.92 14.67 19.86
C LEU C 63 8.52 16.10 19.55
N GLU C 64 7.48 16.58 20.24
CA GLU C 64 6.95 17.92 20.04
C GLU C 64 7.89 19.07 20.42
N GLU C 65 8.49 19.02 21.60
CA GLU C 65 9.36 20.13 22.02
C GLU C 65 10.87 19.95 21.84
N VAL C 66 11.32 18.82 21.34
CA VAL C 66 12.75 18.60 21.18
C VAL C 66 13.18 18.14 19.79
N LEU C 67 12.60 17.06 19.29
CA LEU C 67 13.03 16.56 18.00
C LEU C 67 12.57 17.42 16.84
N PHE C 68 11.52 18.20 17.06
CA PHE C 68 11.00 19.10 16.04
C PHE C 68 11.91 20.32 15.77
N PRO C 69 12.41 20.99 16.83
CA PRO C 69 13.28 22.17 16.63
C PRO C 69 14.72 21.86 16.20
N GLN C 70 15.18 20.65 16.52
CA GLN C 70 16.56 20.25 16.18
C GLN C 70 16.58 19.38 14.93
N SER C 71 15.40 19.15 14.34
CA SER C 71 15.27 18.31 13.14
C SER C 71 16.26 18.57 12.00
N ASP C 72 16.93 19.72 12.03
CA ASP C 72 17.89 20.07 10.99
C ASP C 72 19.31 19.66 11.39
N ARG C 73 19.54 19.54 12.69
CA ARG C 73 20.85 19.15 13.21
C ARG C 73 20.98 17.65 13.37
N PHE C 74 22.22 17.19 13.52
CA PHE C 74 22.49 15.77 13.70
C PHE C 74 22.06 14.89 12.53
N GLN C 75 22.25 15.37 11.31
CA GLN C 75 21.91 14.56 10.14
C GLN C 75 23.04 13.57 9.88
N PRO C 76 22.73 12.43 9.25
CA PRO C 76 21.42 11.99 8.75
C PRO C 76 20.63 11.20 9.77
N TYR C 77 21.21 11.02 10.94
CA TYR C 77 20.56 10.24 12.01
C TYR C 77 19.17 10.69 12.33
N MET C 78 19.04 11.97 12.61
CA MET C 78 17.76 12.56 12.96
C MET C 78 16.64 12.11 12.02
N GLN C 79 16.84 12.23 10.71
CA GLN C 79 15.82 11.86 9.71
C GLN C 79 15.40 10.38 9.70
N GLU C 80 16.26 9.50 10.21
CA GLU C 80 15.96 8.07 10.24
C GLU C 80 15.24 7.63 11.51
N VAL C 81 15.56 8.30 12.62
CA VAL C 81 14.97 7.97 13.92
C VAL C 81 13.64 8.65 14.25
N VAL C 82 13.48 9.90 13.85
CA VAL C 82 12.28 10.63 14.20
C VAL C 82 10.97 10.00 13.69
N PRO C 83 10.86 9.75 12.38
CA PRO C 83 9.63 9.16 11.84
C PRO C 83 9.22 7.90 12.61
N PHE C 84 10.21 7.06 12.92
CA PHE C 84 9.96 5.83 13.67
C PHE C 84 9.33 6.14 15.02
N LEU C 85 9.90 7.12 15.74
CA LEU C 85 9.40 7.50 17.07
C LEU C 85 8.03 8.14 16.95
N ALA C 86 7.79 8.84 15.85
CA ALA C 86 6.48 9.47 15.64
C ALA C 86 5.40 8.38 15.51
N ARG C 87 5.69 7.36 14.72
CA ARG C 87 4.73 6.27 14.55
C ARG C 87 4.47 5.64 15.89
N LEU C 88 5.54 5.49 16.68
CA LEU C 88 5.38 4.89 17.99
C LEU C 88 4.48 5.75 18.86
N SER C 89 4.70 7.05 18.83
CA SER C 89 3.88 7.96 19.64
C SER C 89 2.40 7.76 19.24
N ASN C 90 2.15 7.82 17.93
CA ASN C 90 0.83 7.62 17.36
C ASN C 90 0.24 6.30 17.86
N ARG C 91 1.00 5.22 17.71
CA ARG C 91 0.57 3.92 18.16
C ARG C 91 0.21 3.92 19.67
N LEU C 92 0.80 4.83 20.44
CA LEU C 92 0.49 4.90 21.87
C LEU C 92 -0.58 5.90 22.23
N SER C 93 -1.08 6.62 21.24
CA SER C 93 -2.15 7.58 21.51
C SER C 93 -3.30 6.86 22.19
N THR C 94 -3.43 5.57 21.88
CA THR C 94 -4.49 4.72 22.44
C THR C 94 -4.11 4.09 23.78
N CYS C 95 -3.31 4.79 24.59
CA CYS C 95 -2.88 4.29 25.90
C CYS C 95 -3.17 5.32 27.00
N HIS C 96 -3.95 4.91 28.00
CA HIS C 96 -4.33 5.80 29.08
C HIS C 96 -4.34 5.02 30.40
N ILE C 97 -4.44 5.70 31.53
CA ILE C 97 -4.50 5.02 32.83
C ILE C 97 -5.80 5.42 33.53
N GLU C 98 -6.25 4.59 34.46
CA GLU C 98 -7.48 4.87 35.19
C GLU C 98 -7.24 5.75 36.41
N GLY C 99 -6.41 5.26 37.34
CA GLY C 99 -6.12 6.02 38.54
C GLY C 99 -5.67 7.46 38.36
N ASP C 100 -5.15 8.04 39.43
CA ASP C 100 -4.67 9.42 39.40
C ASP C 100 -3.27 9.46 38.80
N ASP C 101 -3.07 10.34 37.83
CA ASP C 101 -1.76 10.46 37.17
C ASP C 101 -0.97 11.66 37.69
N LEU C 102 -1.20 12.04 38.94
CA LEU C 102 -0.52 13.19 39.51
C LEU C 102 0.95 12.95 39.77
N HIS C 103 1.29 11.73 40.20
CA HIS C 103 2.68 11.38 40.46
C HIS C 103 3.45 11.41 39.14
N ILE C 104 2.86 10.78 38.13
CA ILE C 104 3.45 10.72 36.81
C ILE C 104 3.62 12.12 36.24
N GLN C 105 2.59 12.96 36.32
CA GLN C 105 2.72 14.30 35.76
C GLN C 105 3.72 15.16 36.51
N ARG C 106 3.94 14.84 37.78
CA ARG C 106 4.91 15.60 38.55
C ARG C 106 6.31 15.22 38.09
N ASN C 107 6.51 13.93 37.82
CA ASN C 107 7.81 13.43 37.36
C ASN C 107 8.16 13.99 35.99
N VAL C 108 7.20 13.94 35.08
CA VAL C 108 7.39 14.43 33.73
C VAL C 108 7.69 15.92 33.77
N GLN C 109 7.07 16.61 34.72
CA GLN C 109 7.22 18.07 34.90
C GLN C 109 8.68 18.40 35.22
N LYS C 110 9.30 17.55 36.03
CA LYS C 110 10.67 17.75 36.41
C LYS C 110 11.57 17.64 35.18
N LEU C 111 11.23 16.70 34.30
CA LEU C 111 12.01 16.53 33.08
C LEU C 111 11.82 17.72 32.15
N LYS C 112 10.57 18.13 31.92
CA LYS C 112 10.29 19.27 31.03
C LYS C 112 10.97 20.52 31.55
N ASP C 113 10.94 20.72 32.85
CA ASP C 113 11.58 21.88 33.46
C ASP C 113 13.06 21.94 33.19
N THR C 114 13.76 20.82 33.43
CA THR C 114 15.20 20.74 33.19
C THR C 114 15.49 21.06 31.73
N VAL C 115 14.71 20.47 30.83
CA VAL C 115 14.93 20.73 29.43
C VAL C 115 14.68 22.20 29.08
N LYS C 116 13.60 22.78 29.58
CA LYS C 116 13.30 24.17 29.25
C LYS C 116 14.30 25.16 29.85
N LYS C 117 14.66 24.93 31.11
CA LYS C 117 15.60 25.78 31.81
C LYS C 117 16.95 25.89 31.11
N LEU C 118 17.38 24.80 30.46
CA LEU C 118 18.68 24.81 29.78
C LEU C 118 18.64 25.33 28.35
N GLY C 119 17.47 25.79 27.92
CA GLY C 119 17.34 26.31 26.56
C GLY C 119 17.80 25.35 25.49
N GLU C 120 18.47 25.87 24.47
CA GLU C 120 18.98 25.08 23.36
C GLU C 120 19.77 23.85 23.80
N SER C 121 20.56 23.99 24.84
CA SER C 121 21.36 22.88 25.33
C SER C 121 20.52 21.82 26.05
N GLY C 122 19.33 22.21 26.48
CA GLY C 122 18.44 21.28 27.15
C GLY C 122 17.90 20.32 26.12
N GLU C 123 17.71 20.81 24.91
CA GLU C 123 17.22 20.00 23.80
C GLU C 123 18.30 19.02 23.42
N ILE C 124 19.54 19.50 23.35
CA ILE C 124 20.68 18.67 23.02
C ILE C 124 20.83 17.53 24.05
N LYS C 125 20.68 17.84 25.33
CA LYS C 125 20.81 16.82 26.36
C LYS C 125 19.73 15.77 26.23
N ALA C 126 18.53 16.20 25.85
CA ALA C 126 17.42 15.29 25.69
C ALA C 126 17.71 14.28 24.56
N ILE C 127 18.24 14.77 23.44
CA ILE C 127 18.54 13.92 22.30
C ILE C 127 19.66 12.99 22.70
N GLY C 128 20.59 13.50 23.49
CA GLY C 128 21.69 12.67 23.95
C GLY C 128 21.21 11.53 24.81
N GLU C 129 19.93 11.50 25.16
CA GLU C 129 19.41 10.42 25.97
C GLU C 129 18.29 9.61 25.30
N LEU C 130 18.17 9.74 23.98
CA LEU C 130 17.18 8.98 23.25
C LEU C 130 17.42 7.46 23.39
N ASP C 131 18.68 7.07 23.62
CA ASP C 131 18.97 5.66 23.80
C ASP C 131 18.27 5.09 25.05
N LEU C 132 18.39 5.80 26.17
CA LEU C 132 17.74 5.36 27.40
C LEU C 132 16.20 5.48 27.32
N LEU C 133 15.71 6.52 26.64
CA LEU C 133 14.28 6.70 26.48
C LEU C 133 13.72 5.54 25.65
N PHE C 134 14.41 5.22 24.56
CA PHE C 134 14.01 4.12 23.68
C PHE C 134 14.00 2.78 24.42
N MET C 135 15.09 2.44 25.08
CA MET C 135 15.13 1.19 25.85
C MET C 135 14.09 1.16 26.97
N SER C 136 13.76 2.32 27.55
CA SER C 136 12.73 2.38 28.61
C SER C 136 11.33 2.19 28.00
N LEU C 137 11.12 2.73 26.80
CA LEU C 137 9.85 2.56 26.10
C LEU C 137 9.66 1.08 25.79
N ARG C 138 10.67 0.47 25.18
CA ARG C 138 10.61 -0.96 24.84
C ARG C 138 10.23 -1.76 26.09
N ASN C 139 10.96 -1.58 27.18
CA ASN C 139 10.69 -2.32 28.41
C ASN C 139 9.31 -2.09 29.00
N ALA C 140 8.86 -0.85 29.00
CA ALA C 140 7.55 -0.54 29.57
C ALA C 140 6.36 -0.96 28.73
N CYS C 141 6.44 -0.80 27.42
CA CYS C 141 5.31 -1.09 26.57
C CYS C 141 5.12 -2.44 25.89
N ILE C 142 6.14 -3.29 25.85
CA ILE C 142 5.91 -4.60 25.23
C ILE C 142 5.43 -5.53 26.31
N SER D 1 42.56 7.61 43.16
CA SER D 1 41.40 7.33 44.07
C SER D 1 40.10 7.99 43.57
N HIS D 2 39.92 8.06 42.25
CA HIS D 2 38.72 8.68 41.71
C HIS D 2 37.62 7.68 41.31
N CYS D 3 36.39 8.15 41.34
CA CYS D 3 35.23 7.33 41.00
C CYS D 3 34.72 7.79 39.64
N ARG D 4 35.00 6.98 38.64
CA ARG D 4 34.59 7.34 37.32
C ARG D 4 34.45 6.12 36.43
N LEU D 5 33.54 6.22 35.47
CA LEU D 5 33.33 5.19 34.48
C LEU D 5 33.15 6.01 33.23
N ASP D 6 33.74 5.57 32.12
CA ASP D 6 33.61 6.31 30.89
C ASP D 6 32.21 6.09 30.37
N LYS D 7 31.60 7.12 29.82
CA LYS D 7 30.27 7.03 29.28
C LYS D 7 30.13 5.97 28.20
N SER D 8 31.23 5.64 27.51
CA SER D 8 31.20 4.64 26.43
C SER D 8 30.66 3.30 26.93
N ASN D 9 30.84 3.05 28.22
CA ASN D 9 30.33 1.85 28.85
C ASN D 9 28.81 1.72 28.79
N PHE D 10 28.13 2.86 28.70
CA PHE D 10 26.67 2.88 28.72
C PHE D 10 26.06 3.28 27.42
N GLN D 11 26.83 3.24 26.35
CA GLN D 11 26.28 3.63 25.07
C GLN D 11 26.38 2.54 24.02
N GLN D 12 26.48 1.29 24.43
CA GLN D 12 26.56 0.22 23.45
C GLN D 12 25.19 -0.45 23.34
N PRO D 13 24.56 -0.38 22.16
CA PRO D 13 23.24 -0.97 21.97
C PRO D 13 23.04 -2.43 22.34
N TYR D 14 23.99 -3.27 21.96
CA TYR D 14 23.85 -4.67 22.28
C TYR D 14 23.77 -4.96 23.77
N ILE D 15 24.82 -4.64 24.52
CA ILE D 15 24.79 -4.93 25.95
C ILE D 15 23.72 -4.14 26.71
N THR D 16 23.32 -2.96 26.19
CA THR D 16 22.28 -2.20 26.86
C THR D 16 20.95 -2.95 26.73
N ASN D 17 20.67 -3.40 25.51
CA ASN D 17 19.47 -4.17 25.24
C ASN D 17 19.43 -5.41 26.15
N ARG D 18 20.53 -6.14 26.22
CA ARG D 18 20.60 -7.33 27.07
C ARG D 18 20.32 -7.05 28.51
N THR D 19 20.97 -6.03 29.07
CA THR D 19 20.76 -5.70 30.47
C THR D 19 19.30 -5.35 30.76
N PHE D 20 18.68 -4.60 29.86
CA PHE D 20 17.29 -4.22 30.04
C PHE D 20 16.37 -5.44 29.87
N MET D 21 16.67 -6.30 28.90
CA MET D 21 15.83 -7.47 28.69
C MET D 21 15.92 -8.38 29.92
N LEU D 22 17.09 -8.44 30.54
CA LEU D 22 17.25 -9.26 31.71
C LEU D 22 16.40 -8.71 32.86
N ALA D 23 16.33 -7.39 32.96
CA ALA D 23 15.52 -6.77 34.01
C ALA D 23 14.03 -7.07 33.76
N LYS D 24 13.63 -7.05 32.49
CA LYS D 24 12.26 -7.33 32.12
C LYS D 24 11.92 -8.78 32.48
N GLU D 25 12.80 -9.69 32.10
CA GLU D 25 12.62 -11.10 32.37
C GLU D 25 12.42 -11.34 33.86
N ALA D 26 13.37 -10.89 34.67
CA ALA D 26 13.29 -11.07 36.10
C ALA D 26 12.10 -10.38 36.74
N SER D 27 11.66 -9.24 36.19
CA SER D 27 10.51 -8.54 36.79
C SER D 27 9.20 -9.27 36.49
N LEU D 28 9.12 -9.95 35.36
CA LEU D 28 7.92 -10.71 34.98
C LEU D 28 7.79 -11.88 35.92
N ALA D 29 8.68 -11.95 36.90
CA ALA D 29 8.67 -13.03 37.86
C ALA D 29 8.72 -12.50 39.29
N ASP D 30 8.53 -11.20 39.47
CA ASP D 30 8.55 -10.61 40.79
C ASP D 30 7.10 -10.39 41.23
N ASN D 31 6.76 -10.89 42.42
CA ASN D 31 5.40 -10.75 42.96
C ASN D 31 5.24 -9.44 43.71
N ASN D 32 6.22 -9.15 44.57
CA ASN D 32 6.22 -7.92 45.38
C ASN D 32 6.51 -6.72 44.49
N THR D 33 5.46 -6.07 44.03
CA THR D 33 5.58 -4.89 43.17
C THR D 33 5.34 -3.64 44.04
N ASP D 34 5.39 -3.87 45.34
CA ASP D 34 5.14 -2.87 46.37
C ASP D 34 6.41 -2.46 47.13
N VAL D 35 7.56 -2.52 46.46
CA VAL D 35 8.82 -2.14 47.11
C VAL D 35 9.84 -1.77 46.04
N ARG D 36 10.55 -0.66 46.22
CA ARG D 36 11.55 -0.22 45.26
C ARG D 36 12.91 -0.14 45.92
N LEU D 37 13.82 -1.01 45.50
CA LEU D 37 15.16 -1.04 46.07
C LEU D 37 15.97 0.21 45.73
N ILE D 38 16.03 0.57 44.45
CA ILE D 38 16.75 1.76 44.04
C ILE D 38 15.78 2.90 43.85
N GLY D 39 15.68 3.78 44.83
CA GLY D 39 14.76 4.88 44.72
C GLY D 39 15.24 6.10 45.49
N GLU D 40 14.30 6.99 45.80
CA GLU D 40 14.57 8.23 46.54
C GLU D 40 15.30 8.02 47.86
N LYS D 41 14.85 7.05 48.63
CA LYS D 41 15.46 6.78 49.93
C LYS D 41 16.93 6.39 49.88
N LEU D 42 17.34 5.72 48.80
CA LEU D 42 18.72 5.28 48.64
C LEU D 42 19.72 6.44 48.47
N PHE D 43 19.31 7.46 47.72
CA PHE D 43 20.17 8.61 47.46
C PHE D 43 19.96 9.78 48.42
N HIS D 44 18.92 9.68 49.24
CA HIS D 44 18.58 10.71 50.22
C HIS D 44 19.77 11.08 51.10
N GLY D 45 20.10 12.37 51.13
CA GLY D 45 21.20 12.84 51.95
C GLY D 45 22.59 12.54 51.41
N VAL D 46 22.66 12.21 50.12
CA VAL D 46 23.95 11.90 49.50
C VAL D 46 24.27 12.93 48.42
N SER D 47 25.38 13.63 48.56
CA SER D 47 25.77 14.64 47.59
C SER D 47 26.05 14.04 46.24
N MET D 48 25.94 14.86 45.19
CA MET D 48 26.20 14.39 43.85
C MET D 48 27.56 13.72 43.72
N SER D 49 28.58 14.31 44.33
CA SER D 49 29.93 13.79 44.24
C SER D 49 30.21 12.46 44.92
N GLU D 50 29.31 11.99 45.77
CA GLU D 50 29.52 10.73 46.47
C GLU D 50 28.59 9.61 45.93
N ARG D 51 27.74 9.97 44.97
CA ARG D 51 26.80 9.02 44.41
C ARG D 51 27.47 7.85 43.72
N CYS D 52 28.57 8.11 43.03
CA CYS D 52 29.22 7.01 42.36
C CYS D 52 29.73 6.02 43.40
N TYR D 53 30.31 6.52 44.47
CA TYR D 53 30.82 5.65 45.52
C TYR D 53 29.68 4.83 46.07
N LEU D 54 28.53 5.47 46.27
CA LEU D 54 27.36 4.78 46.80
C LEU D 54 26.95 3.66 45.86
N MET D 55 26.96 3.95 44.56
CA MET D 55 26.59 2.96 43.56
C MET D 55 27.61 1.82 43.54
N LYS D 56 28.86 2.14 43.86
CA LYS D 56 29.89 1.14 43.91
C LYS D 56 29.48 0.07 44.92
N GLN D 57 28.98 0.51 46.08
CA GLN D 57 28.55 -0.44 47.10
C GLN D 57 27.39 -1.30 46.58
N VAL D 58 26.35 -0.65 46.05
CA VAL D 58 25.19 -1.35 45.54
C VAL D 58 25.53 -2.34 44.43
N LEU D 59 26.44 -1.96 43.56
CA LEU D 59 26.83 -2.86 42.47
C LEU D 59 27.54 -4.08 43.02
N ASN D 60 28.46 -3.86 43.96
CA ASN D 60 29.21 -4.95 44.58
C ASN D 60 28.20 -5.90 45.22
N PHE D 61 27.26 -5.35 45.96
CA PHE D 61 26.26 -6.20 46.58
C PHE D 61 25.45 -6.98 45.55
N THR D 62 25.02 -6.30 44.50
CA THR D 62 24.20 -6.93 43.47
C THR D 62 24.94 -8.05 42.76
N LEU D 63 26.22 -7.87 42.53
CA LEU D 63 26.98 -8.94 41.90
C LEU D 63 27.16 -10.09 42.88
N GLU D 64 27.75 -9.77 44.04
CA GLU D 64 28.04 -10.73 45.10
C GLU D 64 26.89 -11.57 45.67
N GLU D 65 25.87 -10.91 46.20
CA GLU D 65 24.74 -11.57 46.82
C GLU D 65 23.53 -11.79 45.92
N VAL D 66 23.54 -11.27 44.70
CA VAL D 66 22.37 -11.44 43.86
C VAL D 66 22.62 -12.10 42.51
N LEU D 67 23.52 -11.54 41.70
CA LEU D 67 23.79 -12.11 40.39
C LEU D 67 24.64 -13.38 40.35
N PHE D 68 25.80 -13.41 41.05
CA PHE D 68 26.67 -14.62 41.05
C PHE D 68 25.93 -15.86 41.59
N PRO D 69 25.17 -15.72 42.67
CA PRO D 69 24.43 -16.85 43.24
C PRO D 69 23.30 -17.33 42.34
N GLN D 70 22.80 -16.42 41.52
CA GLN D 70 21.69 -16.69 40.61
C GLN D 70 22.13 -16.93 39.19
N SER D 71 23.41 -17.19 38.96
CA SER D 71 23.91 -17.38 37.60
C SER D 71 23.18 -18.41 36.69
N ASP D 72 22.41 -19.32 37.29
CA ASP D 72 21.70 -20.33 36.51
C ASP D 72 20.36 -19.83 35.94
N ARG D 73 19.88 -18.72 36.49
CA ARG D 73 18.61 -18.12 36.07
C ARG D 73 18.65 -17.14 34.91
N PHE D 74 17.49 -16.97 34.28
CA PHE D 74 17.33 -15.99 33.22
C PHE D 74 18.32 -16.05 32.05
N GLN D 75 18.54 -17.24 31.52
CA GLN D 75 19.44 -17.36 30.39
C GLN D 75 18.67 -16.91 29.17
N PRO D 76 19.39 -16.47 28.13
CA PRO D 76 20.85 -16.41 28.11
C PRO D 76 21.32 -15.00 28.44
N TYR D 77 20.45 -14.21 29.06
CA TYR D 77 20.79 -12.83 29.42
C TYR D 77 21.87 -12.75 30.49
N MET D 78 21.66 -13.48 31.58
CA MET D 78 22.59 -13.52 32.69
C MET D 78 24.05 -13.73 32.25
N GLN D 79 24.29 -14.66 31.35
CA GLN D 79 25.65 -14.98 30.91
C GLN D 79 26.41 -13.83 30.25
N GLU D 80 25.70 -12.84 29.73
CA GLU D 80 26.33 -11.71 29.05
C GLU D 80 26.42 -10.46 29.91
N VAL D 81 25.38 -10.25 30.69
CA VAL D 81 25.27 -9.10 31.55
C VAL D 81 26.21 -9.15 32.77
N VAL D 82 26.28 -10.29 33.47
CA VAL D 82 27.15 -10.39 34.63
C VAL D 82 28.63 -10.03 34.31
N PRO D 83 29.21 -10.59 33.23
CA PRO D 83 30.61 -10.22 32.99
C PRO D 83 30.73 -8.71 32.80
N PHE D 84 29.77 -8.12 32.08
CA PHE D 84 29.72 -6.68 31.83
C PHE D 84 29.69 -5.86 33.13
N LEU D 85 28.79 -6.22 34.03
CA LEU D 85 28.68 -5.53 35.29
C LEU D 85 29.94 -5.76 36.13
N ALA D 86 30.49 -6.96 36.07
CA ALA D 86 31.69 -7.29 36.82
C ALA D 86 32.87 -6.39 36.39
N ARG D 87 33.08 -6.23 35.08
CA ARG D 87 34.15 -5.36 34.60
C ARG D 87 34.01 -3.96 35.20
N LEU D 88 32.78 -3.46 35.25
CA LEU D 88 32.52 -2.15 35.81
C LEU D 88 32.81 -2.11 37.29
N SER D 89 32.43 -3.15 38.03
CA SER D 89 32.69 -3.23 39.48
C SER D 89 34.19 -3.27 39.72
N ASN D 90 34.89 -3.92 38.82
CA ASN D 90 36.33 -4.02 38.92
C ASN D 90 36.89 -2.59 38.82
N ARG D 91 36.54 -1.87 37.76
CA ARG D 91 37.00 -0.50 37.57
C ARG D 91 36.77 0.39 38.82
N LEU D 92 35.63 0.19 39.50
CA LEU D 92 35.31 1.02 40.66
C LEU D 92 35.96 0.62 42.00
N SER D 93 36.74 -0.46 42.03
CA SER D 93 37.33 -0.89 43.29
C SER D 93 38.33 0.08 43.90
N THR D 94 38.85 1.00 43.09
CA THR D 94 39.81 2.00 43.57
C THR D 94 39.08 3.27 44.01
N CYS D 95 37.85 3.38 43.56
CA CYS D 95 37.01 4.50 43.89
C CYS D 95 36.86 4.58 45.42
N HIS D 96 37.21 5.72 46.01
CA HIS D 96 37.09 5.91 47.46
C HIS D 96 36.59 7.31 47.80
N ILE D 97 36.18 7.50 49.05
CA ILE D 97 35.75 8.80 49.52
C ILE D 97 36.48 9.10 50.83
N GLU D 98 36.87 10.36 51.00
CA GLU D 98 37.60 10.80 52.19
C GLU D 98 36.78 10.89 53.47
N GLY D 99 35.72 11.67 53.42
CA GLY D 99 34.87 11.88 54.57
C GLY D 99 34.32 10.64 55.27
N ASP D 100 33.17 10.85 55.90
CA ASP D 100 32.48 9.81 56.62
C ASP D 100 31.47 9.15 55.68
N ASP D 101 31.48 7.83 55.62
CA ASP D 101 30.53 7.13 54.75
C ASP D 101 29.45 6.37 55.54
N LEU D 102 29.19 6.85 56.75
CA LEU D 102 28.20 6.25 57.65
C LEU D 102 26.79 6.40 57.08
N HIS D 103 26.43 7.61 56.69
CA HIS D 103 25.10 7.82 56.15
C HIS D 103 24.92 7.02 54.87
N ILE D 104 26.00 6.89 54.11
CA ILE D 104 25.95 6.14 52.85
C ILE D 104 25.78 4.64 53.16
N GLN D 105 26.63 4.11 54.03
CA GLN D 105 26.54 2.70 54.39
C GLN D 105 25.19 2.40 55.03
N ARG D 106 24.62 3.41 55.69
CA ARG D 106 23.35 3.25 56.36
C ARG D 106 22.29 3.02 55.28
N ASN D 107 22.33 3.86 54.24
CA ASN D 107 21.39 3.75 53.14
C ASN D 107 21.54 2.43 52.39
N VAL D 108 22.77 2.03 52.09
CA VAL D 108 23.01 0.77 51.39
C VAL D 108 22.48 -0.38 52.24
N GLN D 109 22.77 -0.34 53.53
CA GLN D 109 22.33 -1.37 54.47
C GLN D 109 20.84 -1.65 54.34
N LYS D 110 20.05 -0.58 54.29
CA LYS D 110 18.60 -0.71 54.17
C LYS D 110 18.25 -1.54 52.95
N LEU D 111 19.01 -1.34 51.87
CA LEU D 111 18.77 -2.06 50.62
C LEU D 111 19.19 -3.51 50.79
N LYS D 112 20.33 -3.73 51.44
CA LYS D 112 20.79 -5.09 51.67
C LYS D 112 19.78 -5.83 52.56
N ASP D 113 19.32 -5.16 53.61
CA ASP D 113 18.36 -5.77 54.52
C ASP D 113 17.13 -6.25 53.76
N THR D 114 16.49 -5.33 53.04
CA THR D 114 15.30 -5.64 52.26
C THR D 114 15.45 -6.88 51.38
N VAL D 115 16.56 -6.97 50.65
CA VAL D 115 16.78 -8.11 49.76
C VAL D 115 16.90 -9.42 50.53
N LYS D 116 17.66 -9.40 51.62
CA LYS D 116 17.86 -10.60 52.43
C LYS D 116 16.57 -11.04 53.11
N LYS D 117 15.78 -10.07 53.56
CA LYS D 117 14.52 -10.38 54.22
C LYS D 117 13.51 -11.01 53.27
N LEU D 118 13.48 -10.56 52.02
CA LEU D 118 12.54 -11.11 51.06
C LEU D 118 13.09 -12.42 50.49
N GLY D 119 14.29 -12.77 50.94
CA GLY D 119 14.93 -14.00 50.51
C GLY D 119 15.04 -14.22 49.01
N GLU D 120 14.63 -15.40 48.57
CA GLU D 120 14.68 -15.79 47.18
C GLU D 120 14.12 -14.75 46.20
N SER D 121 12.93 -14.23 46.48
CA SER D 121 12.31 -13.25 45.60
C SER D 121 12.92 -11.86 45.78
N GLY D 122 13.70 -11.67 46.84
CA GLY D 122 14.33 -10.39 47.05
C GLY D 122 15.43 -10.25 46.01
N GLU D 123 16.06 -11.37 45.68
CA GLU D 123 17.11 -11.39 44.68
C GLU D 123 16.48 -11.21 43.31
N ILE D 124 15.27 -11.73 43.15
CA ILE D 124 14.59 -11.60 41.86
C ILE D 124 14.28 -10.12 41.65
N LYS D 125 13.77 -9.46 42.69
CA LYS D 125 13.43 -8.05 42.61
C LYS D 125 14.66 -7.24 42.20
N ALA D 126 15.79 -7.52 42.83
CA ALA D 126 17.01 -6.81 42.51
C ALA D 126 17.34 -6.93 41.02
N ILE D 127 17.27 -8.14 40.48
CA ILE D 127 17.58 -8.35 39.07
C ILE D 127 16.60 -7.62 38.18
N GLY D 128 15.35 -7.53 38.62
CA GLY D 128 14.32 -6.83 37.87
C GLY D 128 14.57 -5.33 37.85
N GLU D 129 15.46 -4.86 38.70
CA GLU D 129 15.82 -3.44 38.75
C GLU D 129 17.17 -3.10 38.08
N LEU D 130 17.76 -4.03 37.31
CA LEU D 130 19.05 -3.76 36.69
C LEU D 130 19.00 -2.55 35.77
N ASP D 131 17.82 -2.28 35.21
CA ASP D 131 17.69 -1.11 34.36
C ASP D 131 17.92 0.18 35.17
N LEU D 132 17.39 0.22 36.40
CA LEU D 132 17.61 1.39 37.25
C LEU D 132 19.05 1.42 37.75
N LEU D 133 19.64 0.24 37.93
CA LEU D 133 21.02 0.17 38.40
C LEU D 133 21.93 0.70 37.31
N PHE D 134 21.64 0.30 36.07
CA PHE D 134 22.38 0.75 34.89
C PHE D 134 22.28 2.25 34.75
N MET D 135 21.07 2.80 34.84
CA MET D 135 20.90 4.27 34.74
C MET D 135 21.57 4.99 35.90
N SER D 136 21.49 4.41 37.09
CA SER D 136 22.12 5.04 38.24
C SER D 136 23.63 5.07 38.12
N LEU D 137 24.24 3.96 37.68
CA LEU D 137 25.70 3.92 37.52
C LEU D 137 26.09 4.96 36.48
N ARG D 138 25.39 4.97 35.36
CA ARG D 138 25.66 5.95 34.32
C ARG D 138 25.59 7.40 34.82
N ASN D 139 24.50 7.79 35.49
CA ASN D 139 24.38 9.18 35.98
C ASN D 139 25.34 9.56 37.10
N ALA D 140 25.59 8.64 38.02
CA ALA D 140 26.49 8.93 39.12
C ALA D 140 27.97 8.89 38.76
N CYS D 141 28.37 8.00 37.86
CA CYS D 141 29.78 7.86 37.53
C CYS D 141 30.40 8.51 36.30
N ILE D 142 29.61 8.92 35.31
CA ILE D 142 30.26 9.57 34.18
C ILE D 142 30.50 11.00 34.65
N SER E 1 -9.82 -25.83 18.37
CA SER E 1 -10.94 -25.58 19.34
C SER E 1 -12.15 -24.99 18.65
N HIS E 2 -12.87 -24.11 19.35
CA HIS E 2 -14.09 -23.51 18.78
C HIS E 2 -13.90 -22.44 17.72
N CYS E 3 -13.07 -22.75 16.72
CA CYS E 3 -12.78 -21.83 15.63
C CYS E 3 -13.80 -21.95 14.51
N ARG E 4 -14.99 -21.40 14.70
CA ARG E 4 -16.00 -21.50 13.67
C ARG E 4 -17.03 -20.37 13.64
N LEU E 5 -16.80 -19.38 12.78
CA LEU E 5 -17.73 -18.27 12.67
C LEU E 5 -18.95 -18.72 11.86
N ASP E 6 -20.12 -18.23 12.28
CA ASP E 6 -21.37 -18.56 11.61
C ASP E 6 -21.38 -17.86 10.26
N LYS E 7 -21.70 -18.62 9.22
CA LYS E 7 -21.73 -18.07 7.88
C LYS E 7 -22.47 -16.74 7.75
N SER E 8 -23.32 -16.42 8.72
CA SER E 8 -24.07 -15.16 8.68
C SER E 8 -23.15 -13.97 8.93
N ASN E 9 -21.98 -14.24 9.48
CA ASN E 9 -20.99 -13.19 9.77
C ASN E 9 -20.46 -12.56 8.48
N PHE E 10 -20.54 -13.31 7.39
CA PHE E 10 -20.05 -12.85 6.10
C PHE E 10 -21.11 -12.61 5.04
N GLN E 11 -22.25 -12.06 5.42
CA GLN E 11 -23.27 -11.79 4.42
C GLN E 11 -23.84 -10.40 4.65
N GLN E 12 -23.27 -9.70 5.63
CA GLN E 12 -23.68 -8.34 5.96
C GLN E 12 -23.93 -7.58 4.67
N PRO E 13 -24.99 -6.76 4.64
CA PRO E 13 -25.34 -5.98 3.46
C PRO E 13 -24.17 -5.63 2.53
N TYR E 14 -23.70 -4.39 2.64
CA TYR E 14 -22.61 -3.91 1.80
C TYR E 14 -21.23 -3.94 2.47
N ILE E 15 -20.99 -4.90 3.37
CA ILE E 15 -19.68 -4.94 4.02
C ILE E 15 -18.55 -5.37 3.09
N THR E 16 -18.80 -6.37 2.26
CA THR E 16 -17.79 -6.85 1.32
C THR E 16 -17.32 -5.77 0.33
N ASN E 17 -18.28 -5.02 -0.24
CA ASN E 17 -17.96 -3.94 -1.18
C ASN E 17 -17.05 -2.92 -0.49
N ARG E 18 -17.42 -2.53 0.73
CA ARG E 18 -16.64 -1.57 1.50
C ARG E 18 -15.23 -2.04 1.76
N THR E 19 -15.07 -3.30 2.12
CA THR E 19 -13.76 -3.83 2.38
C THR E 19 -12.91 -3.79 1.13
N PHE E 20 -13.50 -4.13 -0.02
CA PHE E 20 -12.75 -4.11 -1.28
C PHE E 20 -12.43 -2.68 -1.71
N MET E 21 -13.33 -1.77 -1.43
CA MET E 21 -13.10 -0.37 -1.78
C MET E 21 -11.93 0.15 -0.96
N LEU E 22 -11.89 -0.24 0.31
CA LEU E 22 -10.83 0.18 1.22
C LEU E 22 -9.51 -0.38 0.73
N ALA E 23 -9.51 -1.65 0.38
CA ALA E 23 -8.30 -2.25 -0.12
C ALA E 23 -7.85 -1.60 -1.44
N LYS E 24 -8.81 -1.19 -2.27
CA LYS E 24 -8.47 -0.56 -3.56
C LYS E 24 -7.83 0.81 -3.33
N GLU E 25 -8.43 1.57 -2.43
CA GLU E 25 -7.95 2.89 -2.10
C GLU E 25 -6.51 2.79 -1.58
N ALA E 26 -6.30 1.99 -0.55
CA ALA E 26 -4.98 1.83 0.01
C ALA E 26 -3.99 1.27 -1.00
N SER E 27 -4.47 0.46 -1.95
CA SER E 27 -3.55 -0.12 -2.95
C SER E 27 -2.94 0.94 -3.80
N LEU E 28 -3.71 2.00 -4.09
CA LEU E 28 -3.22 3.09 -4.91
C LEU E 28 -1.97 3.70 -4.31
N ALA E 29 -1.89 3.70 -2.99
CA ALA E 29 -0.76 4.27 -2.28
C ALA E 29 0.37 3.28 -1.95
N ASP E 30 0.30 2.06 -2.47
CA ASP E 30 1.34 1.09 -2.18
C ASP E 30 2.50 1.09 -3.19
N ASN E 31 3.64 1.65 -2.78
CA ASN E 31 4.84 1.72 -3.61
C ASN E 31 5.54 0.36 -3.75
N ASN E 32 5.53 -0.43 -2.68
CA ASN E 32 6.19 -1.74 -2.70
C ASN E 32 5.28 -2.87 -3.15
N THR E 33 4.50 -2.63 -4.20
CA THR E 33 3.61 -3.66 -4.73
C THR E 33 4.42 -4.89 -5.19
N ASP E 34 5.74 -4.77 -5.03
CA ASP E 34 6.73 -5.78 -5.39
C ASP E 34 7.19 -6.56 -4.15
N VAL E 35 6.41 -6.45 -3.09
CA VAL E 35 6.63 -7.13 -1.82
C VAL E 35 5.21 -7.61 -1.47
N ARG E 36 5.04 -8.87 -1.08
CA ARG E 36 3.69 -9.34 -0.77
C ARG E 36 3.50 -9.88 0.63
N LEU E 37 2.36 -9.56 1.26
CA LEU E 37 2.08 -10.02 2.63
C LEU E 37 1.26 -11.30 2.69
N ILE E 38 0.02 -11.24 2.23
CA ILE E 38 -0.84 -12.41 2.27
C ILE E 38 -0.67 -13.24 1.01
N GLY E 39 -0.48 -14.54 1.20
CA GLY E 39 -0.29 -15.41 0.06
C GLY E 39 0.15 -16.79 0.49
N GLU E 40 0.57 -17.58 -0.49
CA GLU E 40 1.02 -18.95 -0.26
C GLU E 40 1.90 -19.17 0.99
N LYS E 41 2.97 -18.38 1.16
CA LYS E 41 3.87 -18.55 2.30
C LYS E 41 3.21 -18.49 3.67
N LEU E 42 2.19 -17.67 3.81
CA LEU E 42 1.51 -17.52 5.08
C LEU E 42 0.89 -18.82 5.57
N PHE E 43 0.58 -19.71 4.64
CA PHE E 43 -0.05 -20.99 4.97
C PHE E 43 0.90 -22.20 5.06
N HIS E 44 2.19 -22.02 4.83
CA HIS E 44 3.09 -23.15 4.92
C HIS E 44 2.94 -23.89 6.24
N GLY E 45 2.92 -25.21 6.18
CA GLY E 45 2.80 -26.02 7.37
C GLY E 45 1.56 -25.85 8.22
N VAL E 46 0.48 -25.31 7.64
CA VAL E 46 -0.75 -25.10 8.39
C VAL E 46 -1.87 -25.91 7.75
N SER E 47 -2.54 -26.76 8.53
CA SER E 47 -3.62 -27.58 8.01
C SER E 47 -4.90 -26.78 7.87
N MET E 48 -5.84 -27.32 7.10
CA MET E 48 -7.10 -26.65 6.90
C MET E 48 -7.75 -26.27 8.22
N SER E 49 -7.71 -27.20 9.17
CA SER E 49 -8.32 -26.99 10.47
C SER E 49 -7.69 -25.85 11.26
N GLU E 50 -6.39 -25.63 11.06
CA GLU E 50 -5.68 -24.58 11.76
C GLU E 50 -5.74 -23.19 11.12
N ARG E 51 -6.15 -23.12 9.86
CA ARG E 51 -6.21 -21.84 9.17
C ARG E 51 -7.02 -20.78 9.87
N CYS E 52 -8.20 -21.13 10.37
CA CYS E 52 -8.96 -20.10 11.04
C CYS E 52 -8.19 -19.47 12.22
N TYR E 53 -7.40 -20.29 12.92
CA TYR E 53 -6.61 -19.80 14.04
C TYR E 53 -5.52 -18.87 13.49
N LEU E 54 -4.86 -19.31 12.43
CA LEU E 54 -3.83 -18.49 11.77
C LEU E 54 -4.40 -17.10 11.36
N MET E 55 -5.58 -17.11 10.74
CA MET E 55 -6.22 -15.87 10.32
C MET E 55 -6.59 -15.00 11.51
N LYS E 56 -6.87 -15.64 12.63
CA LYS E 56 -7.22 -14.92 13.85
C LYS E 56 -6.03 -14.08 14.26
N GLN E 57 -4.85 -14.69 14.23
CA GLN E 57 -3.63 -14.01 14.62
C GLN E 57 -3.34 -12.84 13.68
N VAL E 58 -3.53 -13.05 12.38
CA VAL E 58 -3.27 -11.98 11.42
C VAL E 58 -4.30 -10.86 11.58
N LEU E 59 -5.56 -11.22 11.81
CA LEU E 59 -6.60 -10.22 12.01
C LEU E 59 -6.34 -9.36 13.25
N ASN E 60 -5.93 -10.02 14.34
CA ASN E 60 -5.67 -9.31 15.59
C ASN E 60 -4.54 -8.29 15.37
N PHE E 61 -3.46 -8.73 14.74
CA PHE E 61 -2.35 -7.84 14.47
C PHE E 61 -2.78 -6.68 13.58
N THR E 62 -3.47 -6.99 12.47
CA THR E 62 -3.92 -5.94 11.56
C THR E 62 -4.76 -4.89 12.29
N LEU E 63 -5.67 -5.33 13.15
CA LEU E 63 -6.51 -4.38 13.87
C LEU E 63 -5.70 -3.51 14.85
N GLU E 64 -4.98 -4.15 15.77
CA GLU E 64 -4.17 -3.47 16.75
C GLU E 64 -3.02 -2.65 16.20
N GLU E 65 -2.27 -3.20 15.26
CA GLU E 65 -1.11 -2.48 14.77
C GLU E 65 -1.24 -1.74 13.45
N VAL E 66 -2.36 -1.89 12.76
CA VAL E 66 -2.50 -1.22 11.48
C VAL E 66 -3.77 -0.38 11.40
N LEU E 67 -4.92 -1.01 11.61
CA LEU E 67 -6.17 -0.29 11.52
C LEU E 67 -6.42 0.70 12.68
N PHE E 68 -6.43 0.23 13.93
CA PHE E 68 -6.65 1.14 15.07
C PHE E 68 -5.73 2.37 15.08
N PRO E 69 -4.58 2.31 14.38
CA PRO E 69 -3.68 3.47 14.33
C PRO E 69 -4.04 4.36 13.14
N GLN E 70 -3.74 3.89 11.92
CA GLN E 70 -4.03 4.58 10.64
C GLN E 70 -5.52 4.87 10.44
N SER E 71 -6.28 4.78 11.51
CA SER E 71 -7.73 5.00 11.49
C SER E 71 -8.29 6.30 10.90
N ASP E 72 -7.45 7.31 10.70
CA ASP E 72 -7.96 8.58 10.17
C ASP E 72 -7.95 8.63 8.64
N ARG E 73 -6.98 7.97 8.03
CA ARG E 73 -6.85 7.95 6.58
C ARG E 73 -7.83 7.00 5.88
N PHE E 74 -8.06 7.23 4.59
CA PHE E 74 -8.94 6.41 3.79
C PHE E 74 -10.41 6.48 4.16
N GLN E 75 -10.88 7.67 4.54
CA GLN E 75 -12.28 7.83 4.89
C GLN E 75 -13.10 7.92 3.60
N PRO E 76 -14.38 7.54 3.64
CA PRO E 76 -15.16 7.03 4.79
C PRO E 76 -15.12 5.51 4.94
N TYR E 77 -14.38 4.85 4.03
CA TYR E 77 -14.26 3.40 4.04
C TYR E 77 -13.84 2.83 5.38
N MET E 78 -12.72 3.32 5.86
CA MET E 78 -12.15 2.91 7.13
C MET E 78 -13.20 2.79 8.25
N GLN E 79 -14.01 3.83 8.43
CA GLN E 79 -15.02 3.82 9.49
C GLN E 79 -16.13 2.79 9.35
N GLU E 80 -16.31 2.26 8.16
CA GLU E 80 -17.36 1.28 7.92
C GLU E 80 -16.84 -0.15 8.04
N VAL E 81 -15.58 -0.36 7.71
CA VAL E 81 -14.99 -1.68 7.76
C VAL E 81 -14.34 -2.09 9.09
N VAL E 82 -13.77 -1.14 9.81
CA VAL E 82 -13.08 -1.50 11.04
C VAL E 82 -13.98 -2.08 12.13
N PRO E 83 -15.05 -1.38 12.49
CA PRO E 83 -15.97 -1.88 13.52
C PRO E 83 -16.42 -3.31 13.24
N PHE E 84 -16.66 -3.62 11.97
CA PHE E 84 -17.07 -4.95 11.56
C PHE E 84 -15.99 -5.96 11.88
N LEU E 85 -14.74 -5.63 11.52
CA LEU E 85 -13.61 -6.52 11.74
C LEU E 85 -13.29 -6.67 13.24
N ALA E 86 -13.59 -5.63 14.01
CA ALA E 86 -13.36 -5.67 15.44
C ALA E 86 -14.34 -6.67 16.08
N ARG E 87 -15.57 -6.69 15.58
CA ARG E 87 -16.52 -7.64 16.13
C ARG E 87 -16.09 -9.03 15.71
N LEU E 88 -15.61 -9.17 14.48
CA LEU E 88 -15.13 -10.47 14.03
C LEU E 88 -13.98 -10.95 14.90
N SER E 89 -13.04 -10.06 15.22
CA SER E 89 -11.93 -10.45 16.09
C SER E 89 -12.50 -10.94 17.43
N ASN E 90 -13.39 -10.16 18.03
CA ASN E 90 -14.01 -10.53 19.30
C ASN E 90 -14.67 -11.89 19.20
N ARG E 91 -15.41 -12.10 18.12
CA ARG E 91 -16.09 -13.37 17.94
C ARG E 91 -15.12 -14.53 17.89
N LEU E 92 -13.88 -14.29 17.50
CA LEU E 92 -12.89 -15.36 17.43
C LEU E 92 -12.15 -15.59 18.74
N SER E 93 -12.83 -15.26 19.84
CA SER E 93 -12.31 -15.41 21.19
C SER E 93 -12.36 -16.86 21.67
N THR E 94 -13.38 -17.59 21.22
CA THR E 94 -13.54 -18.99 21.60
C THR E 94 -12.71 -19.92 20.70
N CYS E 95 -11.82 -19.31 19.90
CA CYS E 95 -10.94 -20.02 18.97
C CYS E 95 -9.52 -20.17 19.47
N HIS E 96 -9.06 -21.42 19.59
CA HIS E 96 -7.71 -21.74 20.04
C HIS E 96 -7.33 -23.05 19.37
N ILE E 97 -6.08 -23.48 19.52
CA ILE E 97 -5.69 -24.78 18.97
C ILE E 97 -5.01 -25.58 20.10
N GLU E 98 -5.03 -26.89 19.98
CA GLU E 98 -4.41 -27.76 21.00
C GLU E 98 -2.91 -27.97 20.78
N GLY E 99 -2.56 -28.49 19.61
CA GLY E 99 -1.16 -28.74 19.29
C GLY E 99 -0.22 -27.57 19.42
N ASP E 100 0.95 -27.69 18.80
CA ASP E 100 1.94 -26.65 18.86
C ASP E 100 1.67 -25.59 17.81
N ASP E 101 1.68 -24.32 18.22
CA ASP E 101 1.44 -23.22 17.29
C ASP E 101 2.74 -22.53 16.88
N LEU E 102 3.84 -23.29 16.91
CA LEU E 102 5.12 -22.72 16.55
C LEU E 102 5.21 -22.38 15.08
N HIS E 103 4.67 -23.24 14.21
CA HIS E 103 4.76 -22.92 12.80
C HIS E 103 3.89 -21.71 12.46
N ILE E 104 2.68 -21.69 13.02
CA ILE E 104 1.78 -20.59 12.79
C ILE E 104 2.40 -19.28 13.27
N GLN E 105 2.96 -19.26 14.48
CA GLN E 105 3.56 -18.04 14.98
C GLN E 105 4.77 -17.60 14.17
N ARG E 106 5.49 -18.54 13.57
CA ARG E 106 6.65 -18.15 12.79
C ARG E 106 6.19 -17.51 11.50
N ASN E 107 5.08 -18.01 10.96
CA ASN E 107 4.52 -17.46 9.74
C ASN E 107 3.98 -16.06 9.97
N VAL E 108 3.21 -15.89 11.04
CA VAL E 108 2.65 -14.59 11.38
C VAL E 108 3.78 -13.59 11.62
N GLN E 109 4.87 -14.06 12.22
CA GLN E 109 6.04 -13.25 12.52
C GLN E 109 6.62 -12.64 11.25
N LYS E 110 6.64 -13.42 10.18
CA LYS E 110 7.16 -12.93 8.92
C LYS E 110 6.28 -11.78 8.45
N LEU E 111 4.98 -11.90 8.65
CA LEU E 111 4.06 -10.84 8.23
C LEU E 111 4.26 -9.58 9.08
N LYS E 112 4.30 -9.74 10.39
CA LYS E 112 4.52 -8.59 11.27
C LYS E 112 5.83 -7.89 10.93
N ASP E 113 6.88 -8.67 10.68
CA ASP E 113 8.20 -8.09 10.36
C ASP E 113 8.17 -7.23 9.12
N THR E 114 7.57 -7.76 8.05
CA THR E 114 7.47 -7.02 6.80
C THR E 114 6.73 -5.74 7.03
N VAL E 115 5.58 -5.82 7.68
CA VAL E 115 4.79 -4.62 7.96
C VAL E 115 5.59 -3.61 8.79
N LYS E 116 6.25 -4.07 9.87
CA LYS E 116 7.04 -3.16 10.71
C LYS E 116 8.25 -2.56 9.99
N LYS E 117 9.01 -3.40 9.29
CA LYS E 117 10.18 -2.92 8.55
C LYS E 117 9.87 -1.82 7.54
N LEU E 118 8.67 -1.80 6.98
CA LEU E 118 8.34 -0.81 5.96
C LEU E 118 7.73 0.45 6.56
N GLY E 119 7.71 0.51 7.88
CA GLY E 119 7.17 1.69 8.53
C GLY E 119 5.76 2.02 8.08
N GLU E 120 5.49 3.31 7.90
CA GLU E 120 4.16 3.75 7.50
C GLU E 120 3.64 3.08 6.26
N SER E 121 4.50 2.86 5.28
CA SER E 121 4.05 2.23 4.04
C SER E 121 3.73 0.75 4.26
N GLY E 122 4.24 0.20 5.36
CA GLY E 122 3.98 -1.21 5.68
C GLY E 122 2.54 -1.32 6.14
N GLU E 123 2.05 -0.26 6.78
CA GLU E 123 0.68 -0.22 7.26
C GLU E 123 -0.21 -0.11 6.03
N ILE E 124 0.19 0.75 5.08
CA ILE E 124 -0.57 0.96 3.85
C ILE E 124 -0.72 -0.33 3.04
N LYS E 125 0.36 -1.08 2.91
CA LYS E 125 0.32 -2.34 2.17
C LYS E 125 -0.61 -3.35 2.83
N ALA E 126 -0.67 -3.32 4.15
CA ALA E 126 -1.52 -4.25 4.89
C ALA E 126 -2.99 -3.95 4.60
N ILE E 127 -3.33 -2.67 4.59
CA ILE E 127 -4.70 -2.26 4.31
C ILE E 127 -5.01 -2.59 2.86
N GLY E 128 -4.00 -2.43 2.01
CA GLY E 128 -4.18 -2.71 0.61
C GLY E 128 -4.46 -4.17 0.35
N GLU E 129 -4.43 -5.00 1.39
CA GLU E 129 -4.70 -6.43 1.22
C GLU E 129 -5.82 -6.94 2.13
N LEU E 130 -6.60 -6.03 2.70
CA LEU E 130 -7.71 -6.44 3.56
C LEU E 130 -8.66 -7.33 2.80
N ASP E 131 -8.73 -7.16 1.50
CA ASP E 131 -9.63 -7.97 0.69
C ASP E 131 -9.23 -9.45 0.77
N LEU E 132 -7.95 -9.75 0.56
CA LEU E 132 -7.49 -11.12 0.62
C LEU E 132 -7.57 -11.68 2.06
N LEU E 133 -7.32 -10.83 3.05
CA LEU E 133 -7.41 -11.26 4.44
C LEU E 133 -8.85 -11.61 4.76
N PHE E 134 -9.77 -10.76 4.35
CA PHE E 134 -11.19 -10.96 4.60
C PHE E 134 -11.68 -12.23 3.94
N MET E 135 -11.32 -12.45 2.68
CA MET E 135 -11.73 -13.66 1.97
C MET E 135 -11.09 -14.92 2.57
N SER E 136 -9.91 -14.78 3.15
CA SER E 136 -9.23 -15.90 3.77
C SER E 136 -9.86 -16.20 5.13
N LEU E 137 -10.34 -15.16 5.80
CA LEU E 137 -11.01 -15.34 7.08
C LEU E 137 -12.27 -16.13 6.82
N ARG E 138 -13.11 -15.63 5.91
CA ARG E 138 -14.37 -16.29 5.56
C ARG E 138 -14.12 -17.76 5.26
N ASN E 139 -13.19 -18.04 4.36
CA ASN E 139 -12.88 -19.41 4.00
C ASN E 139 -12.45 -20.28 5.19
N ALA E 140 -11.54 -19.75 5.99
CA ALA E 140 -11.01 -20.50 7.12
C ALA E 140 -11.95 -20.72 8.29
N CYS E 141 -12.80 -19.74 8.58
CA CYS E 141 -13.66 -19.85 9.73
C CYS E 141 -15.11 -20.25 9.62
N ILE E 142 -15.68 -20.29 8.42
CA ILE E 142 -17.07 -20.71 8.34
C ILE E 142 -17.09 -22.22 8.14
N SER F 1 8.31 -10.87 -24.95
CA SER F 1 7.56 -9.78 -24.26
C SER F 1 7.59 -10.00 -22.75
N HIS F 2 6.79 -9.21 -22.02
CA HIS F 2 6.75 -9.32 -20.56
C HIS F 2 5.49 -9.95 -19.94
N CYS F 3 5.67 -10.50 -18.74
CA CYS F 3 4.62 -11.15 -17.99
C CYS F 3 4.06 -10.21 -16.93
N ARG F 4 2.84 -9.73 -17.15
CA ARG F 4 2.21 -8.82 -16.23
C ARG F 4 0.69 -8.86 -16.37
N LEU F 5 -0.02 -8.89 -15.24
CA LEU F 5 -1.47 -8.88 -15.23
C LEU F 5 -1.84 -7.62 -14.44
N ASP F 6 -2.85 -6.87 -14.89
CA ASP F 6 -3.24 -5.66 -14.17
C ASP F 6 -3.90 -6.07 -12.87
N LYS F 7 -3.56 -5.35 -11.80
CA LYS F 7 -4.10 -5.63 -10.49
C LYS F 7 -5.60 -5.57 -10.46
N SER F 8 -6.23 -4.83 -11.37
CA SER F 8 -7.68 -4.72 -11.42
C SER F 8 -8.36 -6.11 -11.61
N ASN F 9 -7.60 -7.05 -12.16
CA ASN F 9 -8.06 -8.43 -12.34
C ASN F 9 -8.34 -9.15 -11.03
N PHE F 10 -7.64 -8.73 -9.98
CA PHE F 10 -7.77 -9.36 -8.68
C PHE F 10 -8.44 -8.49 -7.66
N GLN F 11 -9.13 -7.46 -8.10
CA GLN F 11 -9.79 -6.57 -7.16
C GLN F 11 -11.28 -6.47 -7.30
N GLN F 12 -11.91 -7.47 -7.93
CA GLN F 12 -13.34 -7.40 -8.08
C GLN F 12 -13.95 -8.34 -7.06
N PRO F 13 -14.77 -7.81 -6.16
CA PRO F 13 -15.41 -8.61 -5.12
C PRO F 13 -16.18 -9.83 -5.57
N TYR F 14 -17.06 -9.65 -6.56
CA TYR F 14 -17.87 -10.76 -7.02
C TYR F 14 -17.05 -11.99 -7.44
N ILE F 15 -16.22 -11.84 -8.47
CA ILE F 15 -15.45 -12.98 -8.95
C ILE F 15 -14.45 -13.52 -7.91
N THR F 16 -13.93 -12.64 -7.05
CA THR F 16 -13.00 -13.09 -6.02
C THR F 16 -13.75 -14.04 -5.08
N ASN F 17 -14.93 -13.60 -4.65
CA ASN F 17 -15.80 -14.37 -3.75
C ASN F 17 -16.08 -15.74 -4.36
N ARG F 18 -16.47 -15.75 -5.64
CA ARG F 18 -16.75 -16.99 -6.36
C ARG F 18 -15.55 -17.91 -6.37
N THR F 19 -14.41 -17.39 -6.78
CA THR F 19 -13.21 -18.23 -6.84
C THR F 19 -12.87 -18.82 -5.48
N PHE F 20 -13.06 -18.04 -4.42
CA PHE F 20 -12.76 -18.55 -3.09
C PHE F 20 -13.81 -19.56 -2.64
N MET F 21 -15.08 -19.29 -2.93
CA MET F 21 -16.11 -20.26 -2.54
C MET F 21 -15.93 -21.58 -3.26
N LEU F 22 -15.44 -21.53 -4.50
CA LEU F 22 -15.21 -22.75 -5.25
C LEU F 22 -14.10 -23.53 -4.59
N ALA F 23 -13.08 -22.84 -4.10
CA ALA F 23 -11.97 -23.52 -3.45
C ALA F 23 -12.44 -24.18 -2.17
N LYS F 24 -13.35 -23.50 -1.46
CA LYS F 24 -13.89 -24.02 -0.22
C LYS F 24 -14.74 -25.26 -0.52
N GLU F 25 -15.60 -25.13 -1.52
CA GLU F 25 -16.46 -26.24 -1.94
C GLU F 25 -15.63 -27.48 -2.24
N ALA F 26 -14.64 -27.35 -3.11
CA ALA F 26 -13.79 -28.47 -3.48
C ALA F 26 -12.92 -28.99 -2.34
N SER F 27 -12.54 -28.14 -1.40
CA SER F 27 -11.71 -28.62 -0.32
C SER F 27 -12.52 -29.43 0.70
N LEU F 28 -13.81 -29.11 0.82
CA LEU F 28 -14.71 -29.84 1.73
C LEU F 28 -14.93 -31.24 1.19
N ALA F 29 -14.21 -31.59 0.12
CA ALA F 29 -14.33 -32.89 -0.50
C ALA F 29 -12.96 -33.49 -0.77
N ASP F 30 -11.93 -32.91 -0.16
CA ASP F 30 -10.58 -33.44 -0.34
C ASP F 30 -10.23 -34.28 0.90
N ASN F 31 -9.93 -35.55 0.67
CA ASN F 31 -9.59 -36.48 1.74
C ASN F 31 -8.11 -36.36 2.06
N ASN F 32 -7.31 -36.17 1.01
CA ASN F 32 -5.87 -36.06 1.17
C ASN F 32 -5.47 -34.64 1.52
N THR F 33 -4.61 -34.53 2.54
CA THR F 33 -4.11 -33.23 2.99
C THR F 33 -2.74 -33.41 3.65
N ASP F 34 -1.87 -34.19 2.97
CA ASP F 34 -0.52 -34.45 3.46
C ASP F 34 0.52 -34.06 2.40
N VAL F 35 0.10 -33.19 1.49
CA VAL F 35 0.95 -32.67 0.41
C VAL F 35 0.23 -31.48 -0.21
N ARG F 36 0.85 -30.30 -0.10
CA ARG F 36 0.28 -29.07 -0.63
C ARG F 36 0.81 -28.82 -2.05
N LEU F 37 -0.08 -28.76 -3.03
CA LEU F 37 0.33 -28.53 -4.42
C LEU F 37 1.08 -27.22 -4.60
N ILE F 38 0.44 -26.12 -4.22
CA ILE F 38 1.08 -24.80 -4.33
C ILE F 38 1.71 -24.43 -2.99
N GLY F 39 3.02 -24.61 -2.88
CA GLY F 39 3.68 -24.30 -1.63
C GLY F 39 5.12 -23.88 -1.85
N GLU F 40 5.91 -23.98 -0.78
CA GLU F 40 7.32 -23.62 -0.79
C GLU F 40 8.14 -24.32 -1.87
N LYS F 41 7.90 -25.61 -2.05
CA LYS F 41 8.63 -26.40 -3.04
C LYS F 41 8.42 -25.95 -4.48
N LEU F 42 7.24 -25.44 -4.78
CA LEU F 42 6.91 -24.97 -6.13
C LEU F 42 7.71 -23.74 -6.55
N PHE F 43 7.91 -22.83 -5.60
CA PHE F 43 8.64 -21.59 -5.88
C PHE F 43 10.12 -21.65 -5.53
N HIS F 44 10.55 -22.75 -4.92
CA HIS F 44 11.95 -22.87 -4.53
C HIS F 44 12.92 -22.77 -5.71
N GLY F 45 13.92 -21.90 -5.56
CA GLY F 45 14.90 -21.71 -6.60
C GLY F 45 14.43 -20.88 -7.77
N VAL F 46 13.29 -20.19 -7.61
CA VAL F 46 12.74 -19.36 -8.68
C VAL F 46 12.76 -17.88 -8.28
N SER F 47 13.45 -17.06 -9.08
CA SER F 47 13.56 -15.63 -8.80
C SER F 47 12.20 -14.94 -8.88
N MET F 48 12.07 -13.80 -8.19
CA MET F 48 10.82 -13.05 -8.20
C MET F 48 10.37 -12.76 -9.63
N SER F 49 11.30 -12.34 -10.48
CA SER F 49 10.98 -11.98 -11.87
C SER F 49 10.51 -13.10 -12.78
N GLU F 50 10.63 -14.35 -12.34
CA GLU F 50 10.22 -15.47 -13.16
C GLU F 50 8.99 -16.18 -12.61
N ARG F 51 8.55 -15.74 -11.43
CA ARG F 51 7.39 -16.31 -10.77
C ARG F 51 6.10 -16.22 -11.57
N CYS F 52 5.91 -15.13 -12.28
CA CYS F 52 4.69 -14.99 -13.06
C CYS F 52 4.69 -16.04 -14.18
N TYR F 53 5.83 -16.22 -14.82
CA TYR F 53 5.95 -17.22 -15.89
C TYR F 53 5.58 -18.59 -15.31
N LEU F 54 6.20 -18.91 -14.18
CA LEU F 54 5.94 -20.18 -13.51
C LEU F 54 4.44 -20.34 -13.28
N MET F 55 3.79 -19.28 -12.82
CA MET F 55 2.38 -19.34 -12.53
C MET F 55 1.60 -19.53 -13.81
N LYS F 56 2.18 -19.07 -14.91
CA LYS F 56 1.55 -19.19 -16.21
C LYS F 56 1.38 -20.68 -16.50
N GLN F 57 2.46 -21.44 -16.29
CA GLN F 57 2.45 -22.89 -16.51
C GLN F 57 1.39 -23.58 -15.64
N VAL F 58 1.43 -23.30 -14.34
CA VAL F 58 0.49 -23.89 -13.39
C VAL F 58 -0.96 -23.56 -13.72
N LEU F 59 -1.20 -22.36 -14.24
CA LEU F 59 -2.56 -21.97 -14.56
C LEU F 59 -3.03 -22.70 -15.81
N ASN F 60 -2.13 -22.85 -16.76
CA ASN F 60 -2.46 -23.56 -17.98
C ASN F 60 -2.87 -24.98 -17.60
N PHE F 61 -2.03 -25.61 -16.78
CA PHE F 61 -2.30 -26.96 -16.33
C PHE F 61 -3.60 -27.09 -15.56
N THR F 62 -3.87 -26.14 -14.70
CA THR F 62 -5.09 -26.18 -13.89
C THR F 62 -6.35 -26.03 -14.73
N LEU F 63 -6.30 -25.21 -15.77
CA LEU F 63 -7.46 -25.06 -16.65
C LEU F 63 -7.62 -26.30 -17.52
N GLU F 64 -6.52 -26.63 -18.21
CA GLU F 64 -6.49 -27.76 -19.12
C GLU F 64 -6.85 -29.13 -18.53
N GLU F 65 -6.03 -29.59 -17.59
CA GLU F 65 -6.16 -30.91 -16.99
C GLU F 65 -7.04 -31.01 -15.76
N VAL F 66 -7.44 -29.87 -15.20
CA VAL F 66 -8.24 -29.95 -14.00
C VAL F 66 -9.61 -29.31 -14.11
N LEU F 67 -9.70 -28.06 -14.55
CA LEU F 67 -11.02 -27.40 -14.61
C LEU F 67 -12.02 -27.79 -15.68
N PHE F 68 -11.56 -27.95 -16.92
CA PHE F 68 -12.47 -28.31 -18.01
C PHE F 68 -13.01 -29.74 -17.78
N PRO F 69 -12.11 -30.70 -17.54
CA PRO F 69 -12.61 -32.06 -17.31
C PRO F 69 -13.64 -32.07 -16.17
N GLN F 70 -13.60 -31.04 -15.33
CA GLN F 70 -14.51 -30.94 -14.17
C GLN F 70 -15.70 -30.01 -14.32
N SER F 71 -15.70 -29.18 -15.36
CA SER F 71 -16.76 -28.18 -15.59
C SER F 71 -18.13 -28.54 -15.03
N ASP F 72 -18.44 -29.83 -15.07
CA ASP F 72 -19.72 -30.34 -14.58
C ASP F 72 -20.02 -30.02 -13.11
N ARG F 73 -19.14 -30.49 -12.22
CA ARG F 73 -19.29 -30.32 -10.78
C ARG F 73 -19.19 -28.91 -10.19
N PHE F 74 -19.26 -28.87 -8.86
CA PHE F 74 -19.16 -27.65 -8.09
C PHE F 74 -19.90 -26.48 -8.67
N GLN F 75 -21.13 -26.70 -9.09
CA GLN F 75 -21.93 -25.61 -9.62
C GLN F 75 -22.51 -24.85 -8.45
N PRO F 76 -22.86 -23.57 -8.65
CA PRO F 76 -22.73 -22.87 -9.94
C PRO F 76 -21.43 -22.06 -9.97
N TYR F 77 -20.49 -22.42 -9.10
CA TYR F 77 -19.21 -21.71 -9.01
C TYR F 77 -18.35 -21.90 -10.25
N MET F 78 -18.13 -23.16 -10.62
CA MET F 78 -17.31 -23.53 -11.77
C MET F 78 -17.66 -22.75 -13.06
N GLN F 79 -18.94 -22.47 -13.23
CA GLN F 79 -19.46 -21.79 -14.40
C GLN F 79 -19.03 -20.34 -14.55
N GLU F 80 -18.64 -19.71 -13.43
CA GLU F 80 -18.21 -18.31 -13.41
C GLU F 80 -16.71 -18.14 -13.27
N VAL F 81 -16.12 -19.02 -12.49
CA VAL F 81 -14.70 -18.98 -12.24
C VAL F 81 -13.85 -19.40 -13.44
N VAL F 82 -14.24 -20.45 -14.14
CA VAL F 82 -13.45 -20.90 -15.28
C VAL F 82 -13.28 -19.84 -16.38
N PRO F 83 -14.37 -19.18 -16.78
CA PRO F 83 -14.19 -18.15 -17.82
C PRO F 83 -13.15 -17.11 -17.36
N PHE F 84 -13.29 -16.69 -16.10
CA PHE F 84 -12.40 -15.72 -15.48
C PHE F 84 -10.94 -16.17 -15.52
N LEU F 85 -10.66 -17.38 -15.07
CA LEU F 85 -9.30 -17.87 -15.06
C LEU F 85 -8.76 -18.00 -16.47
N ALA F 86 -9.65 -18.37 -17.39
CA ALA F 86 -9.30 -18.53 -18.80
C ALA F 86 -8.82 -17.20 -19.40
N ARG F 87 -9.59 -16.13 -19.17
CA ARG F 87 -9.22 -14.82 -19.67
C ARG F 87 -7.82 -14.45 -19.20
N LEU F 88 -7.50 -14.79 -17.96
CA LEU F 88 -6.17 -14.48 -17.43
C LEU F 88 -5.09 -15.33 -18.10
N SER F 89 -5.42 -16.60 -18.36
CA SER F 89 -4.46 -17.51 -18.98
C SER F 89 -4.17 -17.04 -20.38
N ASN F 90 -5.22 -16.51 -21.00
CA ASN F 90 -5.13 -15.96 -22.34
C ASN F 90 -4.11 -14.81 -22.31
N ARG F 91 -4.36 -13.82 -21.44
CA ARG F 91 -3.47 -12.67 -21.31
C ARG F 91 -2.00 -13.07 -21.10
N LEU F 92 -1.76 -14.14 -20.36
CA LEU F 92 -0.39 -14.56 -20.11
C LEU F 92 0.28 -15.32 -21.25
N SER F 93 -0.41 -15.48 -22.38
CA SER F 93 0.19 -16.19 -23.52
C SER F 93 1.45 -15.47 -24.01
N THR F 94 1.38 -14.14 -24.04
CA THR F 94 2.49 -13.30 -24.49
C THR F 94 3.67 -13.32 -23.51
N CYS F 95 3.51 -14.10 -22.44
CA CYS F 95 4.51 -14.21 -21.39
C CYS F 95 5.66 -15.19 -21.66
N HIS F 96 6.86 -14.65 -21.89
CA HIS F 96 8.03 -15.47 -22.20
C HIS F 96 9.26 -15.09 -21.38
N ILE F 97 10.09 -16.08 -21.03
CA ILE F 97 11.33 -15.83 -20.31
C ILE F 97 12.51 -16.22 -21.21
N GLU F 98 13.57 -15.42 -21.17
CA GLU F 98 14.75 -15.64 -22.00
C GLU F 98 15.65 -16.82 -21.59
N GLY F 99 16.08 -16.83 -20.34
CA GLY F 99 16.97 -17.88 -19.86
C GLY F 99 16.50 -19.32 -19.96
N ASP F 100 17.01 -20.14 -19.04
CA ASP F 100 16.69 -21.55 -18.96
C ASP F 100 15.50 -21.73 -18.03
N ASP F 101 14.50 -22.47 -18.50
CA ASP F 101 13.30 -22.71 -17.71
C ASP F 101 13.23 -24.16 -17.25
N LEU F 102 14.39 -24.82 -17.20
CA LEU F 102 14.45 -26.21 -16.78
C LEU F 102 14.09 -26.39 -15.31
N HIS F 103 14.67 -25.57 -14.45
CA HIS F 103 14.37 -25.68 -13.03
C HIS F 103 12.90 -25.37 -12.79
N ILE F 104 12.37 -24.45 -13.57
CA ILE F 104 10.98 -24.07 -13.45
C ILE F 104 10.08 -25.21 -13.92
N GLN F 105 10.35 -25.74 -15.10
CA GLN F 105 9.56 -26.85 -15.64
C GLN F 105 9.68 -28.05 -14.72
N ARG F 106 10.83 -28.18 -14.06
CA ARG F 106 11.04 -29.29 -13.13
C ARG F 106 10.06 -29.18 -11.99
N ASN F 107 9.97 -27.97 -11.42
CA ASN F 107 9.07 -27.72 -10.31
C ASN F 107 7.61 -27.93 -10.72
N VAL F 108 7.22 -27.41 -11.88
CA VAL F 108 5.85 -27.56 -12.35
C VAL F 108 5.54 -29.05 -12.53
N GLN F 109 6.48 -29.76 -13.14
CA GLN F 109 6.34 -31.19 -13.37
C GLN F 109 5.93 -31.92 -12.09
N LYS F 110 6.63 -31.62 -10.99
CA LYS F 110 6.34 -32.25 -9.72
C LYS F 110 4.87 -32.06 -9.36
N LEU F 111 4.34 -30.87 -9.67
CA LEU F 111 2.94 -30.58 -9.36
C LEU F 111 2.02 -31.38 -10.29
N LYS F 112 2.39 -31.44 -11.56
CA LYS F 112 1.61 -32.18 -12.52
C LYS F 112 1.60 -33.67 -12.13
N ASP F 113 2.76 -34.19 -11.76
CA ASP F 113 2.86 -35.59 -11.36
C ASP F 113 1.91 -35.91 -10.22
N THR F 114 2.04 -35.15 -9.14
CA THR F 114 1.19 -35.33 -7.98
C THR F 114 -0.31 -35.38 -8.29
N VAL F 115 -0.77 -34.48 -9.16
CA VAL F 115 -2.19 -34.46 -9.50
C VAL F 115 -2.62 -35.68 -10.31
N LYS F 116 -1.79 -36.08 -11.27
CA LYS F 116 -2.11 -37.23 -12.11
C LYS F 116 -2.09 -38.51 -11.27
N LYS F 117 -1.12 -38.62 -10.37
CA LYS F 117 -0.99 -39.80 -9.52
C LYS F 117 -2.14 -39.99 -8.54
N LEU F 118 -2.70 -38.89 -8.05
CA LEU F 118 -3.82 -38.98 -7.12
C LEU F 118 -5.12 -39.14 -7.91
N GLY F 119 -4.98 -39.13 -9.24
CA GLY F 119 -6.13 -39.28 -10.11
C GLY F 119 -7.28 -38.35 -9.83
N GLU F 120 -8.49 -38.90 -9.82
CA GLU F 120 -9.72 -38.17 -9.61
C GLU F 120 -9.66 -37.13 -8.47
N SER F 121 -9.22 -37.55 -7.29
CA SER F 121 -9.14 -36.64 -6.14
C SER F 121 -7.98 -35.65 -6.26
N GLY F 122 -7.02 -35.96 -7.14
CA GLY F 122 -5.91 -35.05 -7.33
C GLY F 122 -6.47 -33.79 -7.95
N GLU F 123 -7.41 -33.96 -8.85
CA GLU F 123 -8.06 -32.84 -9.52
C GLU F 123 -8.93 -32.07 -8.52
N ILE F 124 -9.47 -32.79 -7.53
CA ILE F 124 -10.28 -32.16 -6.51
C ILE F 124 -9.41 -31.30 -5.58
N LYS F 125 -8.21 -31.78 -5.29
CA LYS F 125 -7.28 -31.05 -4.45
C LYS F 125 -6.90 -29.75 -5.15
N ALA F 126 -6.58 -29.84 -6.43
CA ALA F 126 -6.20 -28.66 -7.21
C ALA F 126 -7.28 -27.59 -7.11
N ILE F 127 -8.52 -27.98 -7.37
CA ILE F 127 -9.63 -27.03 -7.30
C ILE F 127 -9.78 -26.45 -5.88
N GLY F 128 -9.43 -27.26 -4.89
CA GLY F 128 -9.52 -26.84 -3.50
C GLY F 128 -8.48 -25.80 -3.19
N GLU F 129 -7.44 -25.75 -4.03
CA GLU F 129 -6.36 -24.78 -3.87
C GLU F 129 -6.44 -23.51 -4.75
N LEU F 130 -7.56 -23.30 -5.43
CA LEU F 130 -7.71 -22.13 -6.30
C LEU F 130 -7.42 -20.82 -5.59
N ASP F 131 -7.74 -20.78 -4.29
CA ASP F 131 -7.52 -19.57 -3.50
C ASP F 131 -6.01 -19.27 -3.44
N LEU F 132 -5.19 -20.29 -3.32
CA LEU F 132 -3.76 -20.07 -3.32
C LEU F 132 -3.27 -19.77 -4.72
N LEU F 133 -3.95 -20.28 -5.74
CA LEU F 133 -3.55 -20.01 -7.12
C LEU F 133 -3.83 -18.54 -7.40
N PHE F 134 -5.01 -18.10 -6.99
CA PHE F 134 -5.41 -16.72 -7.17
C PHE F 134 -4.42 -15.78 -6.46
N MET F 135 -4.01 -16.11 -5.24
CA MET F 135 -3.07 -15.25 -4.53
C MET F 135 -1.71 -15.28 -5.19
N SER F 136 -1.34 -16.44 -5.70
CA SER F 136 -0.05 -16.61 -6.35
C SER F 136 0.02 -15.88 -7.67
N LEU F 137 -1.07 -15.90 -8.43
CA LEU F 137 -1.09 -15.17 -9.70
C LEU F 137 -0.99 -13.68 -9.37
N ARG F 138 -1.83 -13.21 -8.46
CA ARG F 138 -1.84 -11.82 -8.07
C ARG F 138 -0.45 -11.35 -7.64
N ASN F 139 0.17 -12.03 -6.68
CA ASN F 139 1.49 -11.59 -6.22
C ASN F 139 2.61 -11.65 -7.28
N ALA F 140 2.65 -12.73 -8.04
CA ALA F 140 3.68 -12.92 -9.06
C ALA F 140 3.56 -12.02 -10.28
N CYS F 141 2.33 -11.80 -10.75
CA CYS F 141 2.11 -11.01 -11.94
C CYS F 141 1.80 -9.51 -11.89
N ILE F 142 1.30 -8.97 -10.78
CA ILE F 142 1.06 -7.53 -10.78
C ILE F 142 2.44 -6.88 -10.56
C1 NAG G . -12.42 3.52 -44.62
C2 NAG G . -12.94 4.41 -45.78
C3 NAG G . -13.99 3.69 -46.64
C4 NAG G . -13.52 2.27 -47.03
C5 NAG G . -13.14 1.52 -45.75
C6 NAG G . -12.71 0.09 -45.97
C7 NAG G . -13.18 6.81 -45.52
C8 NAG G . -14.21 7.91 -45.35
N2 NAG G . -13.56 5.58 -45.19
O3 NAG G . -14.26 4.44 -47.81
O4 NAG G . -14.61 1.57 -47.71
O5 NAG G . -12.05 2.21 -45.10
O6 NAG G . -11.32 0.06 -46.34
O7 NAG G . -12.06 7.08 -45.96
C1 NAG G . -14.27 0.86 -48.86
C2 NAG G . -15.42 -0.11 -49.21
C3 NAG G . -15.11 -0.82 -50.54
C4 NAG G . -14.82 0.20 -51.64
C5 NAG G . -13.70 1.15 -51.18
C6 NAG G . -13.40 2.24 -52.20
C7 NAG G . -16.51 -0.87 -47.18
C8 NAG G . -17.97 -0.69 -47.57
N2 NAG G . -15.62 -1.08 -48.14
O3 NAG G . -16.21 -1.63 -50.93
O4 NAG G . -14.43 -0.45 -52.83
O5 NAG G . -14.07 1.80 -49.93
O6 NAG G . -13.72 3.53 -51.69
O7 NAG G . -16.19 -0.81 -45.99
C1 FUC G . -11.09 -0.51 -47.59
C2 FUC G . -10.00 0.28 -48.34
C3 FUC G . -8.65 0.13 -47.62
C4 FUC G . -8.31 -1.35 -47.34
C5 FUC G . -9.51 -2.11 -46.74
C6 FUC G . -9.30 -3.61 -46.66
O2 FUC G . -10.37 1.66 -48.40
O3 FUC G . -7.61 0.72 -48.40
O4 FUC G . -7.89 -1.99 -48.54
O5 FUC G . -10.71 -1.88 -47.51
C1 NAG H . 0.83 14.45 22.23
C2 NAG H . 0.39 13.97 20.85
C3 NAG H . -0.85 14.70 20.32
C4 NAG H . -1.93 14.54 21.40
C5 NAG H . -1.44 15.13 22.72
C6 NAG H . -2.45 15.05 23.86
C7 NAG H . 2.30 13.02 19.74
C8 NAG H . 3.68 13.29 19.18
N2 NAG H . 1.48 14.07 19.90
O3 NAG H . -1.27 14.11 19.09
O4 NAG H . -3.24 15.06 21.01
O5 NAG H . -0.26 14.40 23.16
O6 NAG H . -2.45 13.77 24.47
O7 NAG H . 1.96 11.87 20.03
C1 NAG H . -3.44 16.36 20.55
C2 NAG H . -4.91 16.79 20.83
C3 NAG H . -5.86 15.85 20.08
C4 NAG H . -5.54 15.91 18.59
C5 NAG H . -4.07 15.53 18.37
C6 NAG H . -3.66 15.66 16.91
C7 NAG H . -4.98 17.86 22.97
C8 NAG H . -5.47 17.85 24.42
N2 NAG H . -5.20 16.76 22.25
O3 NAG H . -7.21 16.26 20.29
O4 NAG H . -6.37 15.00 17.87
O5 NAG H . -3.19 16.41 19.13
O6 NAG H . -4.35 14.70 16.12
O7 NAG H . -4.41 18.86 22.52
C1 NAG I . 17.62 -7.01 21.59
C2 NAG I . 17.04 -6.33 20.36
C3 NAG I . 16.18 -7.29 19.52
C4 NAG I . 16.84 -8.66 19.34
C5 NAG I . 17.42 -9.19 20.65
C6 NAG I . 18.26 -10.44 20.43
C7 NAG I . 16.55 -3.97 20.43
C8 NAG I . 15.47 -2.90 20.60
N2 NAG I . 16.22 -5.21 20.77
O3 NAG I . 15.97 -6.70 18.24
O4 NAG I . 15.85 -9.60 18.85
O5 NAG I . 18.30 -8.21 21.22
O6 NAG I . 19.47 -10.12 19.70
O7 NAG I . 17.67 -3.65 20.00
C1 NAG I . 16.24 -10.38 17.77
C2 NAG I . 15.25 -11.53 17.56
C3 NAG I . 15.61 -12.30 16.28
C4 NAG I . 15.76 -11.33 15.11
C5 NAG I . 16.77 -10.27 15.47
C6 NAG I . 17.04 -9.25 14.37
C7 NAG I . 14.34 -12.29 19.66
C8 NAG I . 13.50 -13.51 20.00
N2 NAG I . 15.26 -12.42 18.70
O3 NAG I . 14.59 -13.26 15.99
O4 NAG I . 16.19 -12.04 13.92
O5 NAG I . 16.30 -9.55 16.62
O6 NAG I . 16.30 -8.06 14.59
O7 NAG I . 14.15 -11.23 20.27
C1 MAN I . 15.32 -11.98 12.84
C2 MAN I . 16.10 -11.67 11.54
C3 MAN I . 15.12 -11.65 10.35
C4 MAN I . 14.27 -12.95 10.32
C5 MAN I . 13.64 -13.22 11.70
C6 MAN I . 12.89 -14.54 11.79
O2 MAN I . 17.10 -12.67 11.33
O3 MAN I . 15.84 -11.51 9.13
O4 MAN I . 13.24 -12.81 9.35
O5 MAN I . 14.66 -13.24 12.72
O6 MAN I . 12.36 -14.69 13.12
C1 MAN I . 12.40 -16.02 13.55
C2 MAN I . 11.46 -16.24 14.77
C3 MAN I . 12.11 -15.79 16.09
C4 MAN I . 13.52 -16.37 16.22
C5 MAN I . 14.34 -15.96 14.99
C6 MAN I . 15.78 -16.45 15.03
O2 MAN I . 11.07 -17.59 14.86
O3 MAN I . 11.32 -16.22 17.18
O4 MAN I . 14.13 -15.88 17.40
O5 MAN I . 13.73 -16.48 13.80
O6 MAN I . 16.00 -17.35 16.12
C1 FUC I . 19.77 -11.09 18.72
C2 FUC I . 20.90 -10.62 17.77
C3 FUC I . 22.29 -10.76 18.41
C4 FUC I . 22.49 -12.14 19.07
C5 FUC I . 21.30 -12.48 19.99
C6 FUC I . 21.37 -13.89 20.57
O2 FUC I . 20.69 -9.27 17.36
O3 FUC I . 23.29 -10.58 17.41
O4 FUC I . 22.64 -13.15 18.08
O5 FUC I . 20.05 -12.38 19.27
C1 NAG J . 33.25 -6.30 46.66
C2 NAG J . 34.21 -6.89 45.62
C3 NAG J . 35.24 -7.84 46.25
C4 NAG J . 35.91 -7.18 47.46
C5 NAG J . 34.83 -6.65 48.43
C6 NAG J . 35.39 -5.98 49.67
C7 NAG J . 33.17 -6.95 43.45
C8 NAG J . 33.11 -7.77 42.17
N2 NAG J . 33.45 -7.57 44.59
O3 NAG J . 36.23 -8.15 45.27
O4 NAG J . 36.76 -8.13 48.15
O5 NAG J . 33.98 -5.71 47.74
O6 NAG J . 35.08 -4.59 49.74
O7 NAG J . 32.95 -5.75 43.39
C1 NAG J . 38.13 -8.04 47.97
C2 NAG J . 38.85 -8.43 49.28
C3 NAG J . 40.37 -8.59 49.07
C4 NAG J . 40.64 -9.55 47.91
C5 NAG J . 39.91 -9.04 46.66
C6 NAG J . 40.12 -9.94 45.45
C7 NAG J . 37.72 -7.60 51.24
C8 NAG J . 37.31 -6.39 52.05
N2 NAG J . 38.61 -7.40 50.28
O3 NAG J . 40.97 -9.08 50.26
O4 NAG J . 42.04 -9.62 47.66
O5 NAG J . 38.48 -8.96 46.91
O6 NAG J . 39.52 -11.23 45.65
O7 NAG J . 37.21 -8.70 51.47
C1 NAG K . -20.43 -14.51 -2.03
C2 NAG K . -20.81 -13.65 -0.82
C3 NAG K . -22.11 -14.15 -0.15
C4 NAG K . -23.22 -14.56 -1.15
C5 NAG K . -22.65 -15.37 -2.32
C6 NAG K . -23.67 -15.61 -3.42
C7 NAG K . -19.15 -12.60 0.56
C8 NAG K . -18.09 -12.73 1.65
N2 NAG K . -19.73 -13.71 0.15
O3 NAG K . -22.61 -13.12 0.70
O4 NAG K . -24.19 -15.37 -0.44
O5 NAG K . -21.55 -14.66 -2.92
O6 NAG K . -23.78 -16.99 -3.73
O7 NAG K . -19.42 -11.49 0.11
C1 NAG K . -25.54 -15.20 -0.68
C2 NAG K . -26.31 -16.32 0.06
C3 NAG K . -27.79 -16.01 0.32
C4 NAG K . -28.05 -14.54 0.68
C5 NAG K . -27.31 -13.64 -0.30
C6 NAG K . -27.53 -12.17 -0.01
C7 NAG K . -25.51 -18.58 -0.30
C8 NAG K . -25.98 -19.95 -0.75
N2 NAG K . -26.21 -17.53 -0.73
O3 NAG K . -28.25 -16.82 1.39
O4 NAG K . -29.45 -14.27 0.63
O5 NAG K . -25.91 -13.89 -0.19
O6 NAG K . -26.98 -11.81 1.26
O7 NAG K . -24.53 -18.48 0.44
C1 NAG L . -1.92 -23.68 -22.65
C2 NAG L . -3.16 -22.93 -23.16
C3 NAG L . -3.49 -23.35 -24.61
C4 NAG L . -2.24 -23.21 -25.50
C5 NAG L . -1.05 -23.94 -24.87
C6 NAG L . 0.23 -23.75 -25.64
C7 NAG L . -4.97 -22.21 -21.75
C8 NAG L . -6.49 -22.29 -21.82
N2 NAG L . -4.29 -23.22 -22.29
O3 NAG L . -4.54 -22.54 -25.12
O4 NAG L . -2.52 -23.78 -26.80
O5 NAG L . -0.82 -23.46 -23.53
O6 NAG L . 1.31 -24.40 -24.99
O7 NAG L . -4.43 -21.24 -21.22
C1 NAG L . -2.79 -22.92 -27.85
C2 NAG L . -1.98 -23.34 -29.09
C3 NAG L . -2.35 -22.45 -30.27
C4 NAG L . -3.85 -22.48 -30.52
C5 NAG L . -4.62 -22.14 -29.21
C6 NAG L . -6.13 -22.33 -29.37
C7 NAG L . 0.23 -24.32 -29.12
C8 NAG L . 1.43 -24.59 -28.21
N2 NAG L . -0.55 -23.28 -28.82
O3 NAG L . -1.68 -22.88 -31.46
O4 NAG L . -4.19 -21.55 -31.54
O5 NAG L . -4.21 -23.00 -28.13
O6 NAG L . -6.83 -22.12 -28.16
O7 NAG L . 0.02 -25.06 -30.07
C1 NAG M . 2.11 -0.73 -19.92
C2 NAG M . 3.28 -0.81 -20.91
C3 NAG M . 4.28 -1.86 -20.45
C4 NAG M . 4.77 -1.47 -19.05
C5 NAG M . 3.56 -1.47 -18.13
C6 NAG M . 3.87 -1.11 -16.70
C7 NAG M . 2.40 -0.15 -23.05
C8 NAG M . 3.48 0.66 -23.76
N2 NAG M . 2.80 -1.13 -22.24
O3 NAG M . 5.35 -1.92 -21.37
O4 NAG M . 5.76 -2.38 -18.59
O5 NAG M . 2.58 -0.50 -18.58
O6 NAG M . 2.72 -0.56 -16.06
O7 NAG M . 1.22 0.11 -23.25
C1 NAG N . -27.88 25.74 -41.70
C2 NAG N . -27.87 25.65 -43.24
C3 NAG N . -28.77 26.74 -43.86
C4 NAG N . -30.18 26.60 -43.28
C5 NAG N . -30.10 26.74 -41.75
C6 NAG N . -31.46 26.62 -41.09
C7 NAG N . -26.08 24.79 -44.59
C8 NAG N . -25.07 25.21 -45.65
N2 NAG N . -26.52 25.73 -43.75
O3 NAG N . -28.78 26.62 -45.28
O4 NAG N . -31.06 27.59 -43.82
O5 NAG N . -29.24 25.70 -41.19
O6 NAG N . -31.36 26.59 -39.68
O7 NAG N . -26.50 23.63 -44.57
C1 NAG O . -5.59 -9.31 20.31
C2 NAG O . -6.92 -8.79 20.86
C3 NAG O . -6.80 -8.33 22.34
C4 NAG O . -6.05 -9.38 23.18
C5 NAG O . -4.71 -9.69 22.50
C6 NAG O . -3.90 -10.71 23.27
C7 NAG O . -8.28 -7.76 19.12
C8 NAG O . -8.43 -6.55 18.20
N2 NAG O . -7.33 -7.66 20.05
O3 NAG O . -8.10 -8.11 22.90
O4 NAG O . -5.81 -8.88 24.50
O5 NAG O . -4.97 -10.24 21.20
O6 NAG O . -4.62 -11.93 23.41
O7 NAG O . -9.01 -8.75 18.99
#